data_1V26
#
_entry.id   1V26
#
_cell.length_a   64.510
_cell.length_b   101.381
_cell.length_c   176.898
_cell.angle_alpha   90.00
_cell.angle_beta   90.00
_cell.angle_gamma   90.00
#
_symmetry.space_group_name_H-M   'P 21 21 21'
#
loop_
_entity.id
_entity.type
_entity.pdbx_description
1 polymer 'long-chain-fatty-acid-CoA synthetase'
2 non-polymer 'MAGNESIUM ION'
3 non-polymer 'MYRISTIC ACID'
4 non-polymer 'ADENOSINE MONOPHOSPHATE'
5 water water
#
_entity_poly.entity_id   1
_entity_poly.type   'polypeptide(L)'
_entity_poly.pdbx_seq_one_letter_code
;MEGERMNAFPSTMMDEELNLWDFLERAAALFGRKEVVSRLHTGEVHRTTYAEVYQRARRLMGGLRALGVGVGDRVATLGF
NHFRHLEAYFAVPGMGAVLHTANPRLSPKEIAYILNHAEDKVLLFDPNLLPLVEAIRGELKTVQHFVVMDEKAPEGYLAY
EEALGEEADPVRVPERAACGMAYTTGTTGLPKGVVYSHRALVLHSLAASLVDGTALSEKDVVLPVVPMFHVNAWCLPYAA
TLVGAKQVLPGPRLDPASLVELFDGEGVTFTAGVPTVWLALADYLESTGHRLKTLRRLVVGGSAAPRSLIARFERMGVEV
RQGYGLTETSPVVVQNFVKSHLESLSEEEKLTLKAKTGLPIPLVRLRVADEEGRPVPKDGKALGEVQLKGPWITGGYYGN
EEATRSALTPDGFFRTGDIAVWDEEGYVEIKDRLKDLIKSGGEWISSVDLENALMGHPKVKEAAVVAIPHPKWQERPLAV
VVPRGEKPTPEELNEHLLKAGFAKWQLPDAYVFAEEIPRTSAGKFLKRALREQYKNYYGGA
;
_entity_poly.pdbx_strand_id   A,B
#
# COMPACT_ATOMS: atom_id res chain seq x y z
N ALA A 8 3.77 14.53 -22.46
CA ALA A 8 5.13 15.04 -22.83
C ALA A 8 6.12 13.89 -22.87
N PHE A 9 6.22 13.16 -21.76
CA PHE A 9 7.04 11.95 -21.71
C PHE A 9 6.22 10.84 -21.09
N PRO A 10 5.74 9.92 -21.91
CA PRO A 10 4.94 8.79 -21.43
C PRO A 10 5.81 7.75 -20.74
N SER A 11 5.25 7.09 -19.74
CA SER A 11 5.94 5.99 -19.06
C SER A 11 5.78 4.72 -19.87
N THR A 12 6.60 3.71 -19.56
CA THR A 12 6.50 2.41 -20.22
C THR A 12 5.67 1.44 -19.38
N MET A 13 5.06 1.95 -18.30
CA MET A 13 4.28 1.13 -17.38
C MET A 13 2.98 0.63 -18.01
N MET A 14 2.61 -0.62 -17.68
CA MET A 14 1.37 -1.22 -18.14
C MET A 14 0.17 -0.41 -17.66
N ASP A 15 -0.83 -0.28 -18.54
CA ASP A 15 -2.08 0.37 -18.18
C ASP A 15 -3.04 -0.67 -17.63
N GLU A 16 -2.81 -1.05 -16.38
CA GLU A 16 -3.62 -2.06 -15.71
C GLU A 16 -4.53 -1.38 -14.69
N GLU A 17 -5.80 -1.75 -14.70
CA GLU A 17 -6.81 -1.13 -13.84
C GLU A 17 -6.88 -1.78 -12.46
N LEU A 18 -7.12 -0.96 -11.45
CA LEU A 18 -7.34 -1.46 -10.10
C LEU A 18 -8.77 -1.98 -10.01
N ASN A 19 -8.94 -3.16 -9.44
CA ASN A 19 -10.25 -3.78 -9.33
C ASN A 19 -10.42 -4.54 -8.03
N LEU A 20 -11.59 -4.41 -7.42
CA LEU A 20 -11.87 -5.05 -6.13
C LEU A 20 -11.85 -6.58 -6.22
N TRP A 21 -12.23 -7.12 -7.39
CA TRP A 21 -12.26 -8.56 -7.60
C TRP A 21 -10.87 -9.19 -7.46
N ASP A 22 -9.84 -8.40 -7.74
CA ASP A 22 -8.45 -8.83 -7.60
C ASP A 22 -8.10 -9.26 -6.18
N PHE A 23 -8.76 -8.66 -5.20
CA PHE A 23 -8.54 -9.01 -3.79
C PHE A 23 -8.94 -10.46 -3.51
N LEU A 24 -10.13 -10.85 -4.00
CA LEU A 24 -10.64 -12.20 -3.79
C LEU A 24 -9.96 -13.25 -4.67
N GLU A 25 -9.66 -12.86 -5.91
CA GLU A 25 -8.94 -13.72 -6.84
C GLU A 25 -7.56 -14.09 -6.28
N ARG A 26 -6.92 -13.12 -5.63
CA ARG A 26 -5.64 -13.35 -4.97
C ARG A 26 -5.79 -14.19 -3.72
N ALA A 27 -6.89 -13.95 -2.98
CA ALA A 27 -7.16 -14.71 -1.76
C ALA A 27 -7.42 -16.19 -2.05
N ALA A 28 -8.06 -16.48 -3.18
CA ALA A 28 -8.33 -17.85 -3.59
C ALA A 28 -7.07 -18.58 -4.05
N ALA A 29 -6.15 -17.82 -4.66
CA ALA A 29 -4.93 -18.39 -5.22
C ALA A 29 -3.84 -18.63 -4.18
N LEU A 30 -3.66 -17.68 -3.27
CA LEU A 30 -2.57 -17.76 -2.30
C LEU A 30 -3.01 -18.22 -0.90
N PHE A 31 -4.24 -17.88 -0.53
CA PHE A 31 -4.75 -18.19 0.80
C PHE A 31 -6.13 -18.85 0.72
N GLY A 32 -6.26 -19.79 -0.22
CA GLY A 32 -7.53 -20.44 -0.51
C GLY A 32 -8.14 -21.21 0.65
N ARG A 33 -7.28 -21.72 1.54
CA ARG A 33 -7.73 -22.51 2.68
C ARG A 33 -8.06 -21.69 3.93
N LYS A 34 -7.74 -20.40 3.91
CA LYS A 34 -8.04 -19.52 5.04
C LYS A 34 -9.56 -19.39 5.21
N GLU A 35 -10.00 -19.34 6.46
CA GLU A 35 -11.42 -19.49 6.77
C GLU A 35 -12.23 -18.19 6.82
N VAL A 36 -13.51 -18.31 6.48
CA VAL A 36 -14.49 -17.26 6.68
C VAL A 36 -15.59 -17.84 7.58
N VAL A 37 -15.59 -17.42 8.83
CA VAL A 37 -16.51 -17.93 9.84
C VAL A 37 -17.65 -16.94 10.06
N SER A 38 -18.89 -17.44 9.98
CA SER A 38 -20.06 -16.60 10.15
C SER A 38 -21.02 -17.13 11.22
N ARG A 39 -21.52 -16.23 12.06
CA ARG A 39 -22.58 -16.58 13.00
C ARG A 39 -23.88 -16.00 12.48
N LEU A 40 -24.83 -16.88 12.14
CA LEU A 40 -26.10 -16.46 11.59
C LEU A 40 -27.06 -15.93 12.67
N HIS A 41 -28.21 -15.42 12.23
CA HIS A 41 -29.21 -14.85 13.13
C HIS A 41 -29.76 -15.87 14.14
N THR A 42 -29.71 -17.15 13.80
CA THR A 42 -30.18 -18.22 14.69
C THR A 42 -29.16 -18.58 15.78
N GLY A 43 -27.90 -18.22 15.55
CA GLY A 43 -26.84 -18.52 16.51
C GLY A 43 -25.91 -19.61 16.02
N GLU A 44 -26.28 -20.27 14.92
CA GLU A 44 -25.46 -21.32 14.32
C GLU A 44 -24.19 -20.74 13.70
N VAL A 45 -23.12 -21.53 13.73
CA VAL A 45 -21.84 -21.12 13.19
C VAL A 45 -21.58 -21.79 11.85
N HIS A 46 -21.34 -20.98 10.82
CA HIS A 46 -21.06 -21.45 9.47
C HIS A 46 -19.59 -21.24 9.13
N ARG A 47 -18.98 -22.25 8.51
CA ARG A 47 -17.58 -22.19 8.13
C ARG A 47 -17.40 -22.40 6.63
N THR A 48 -16.67 -21.48 5.99
CA THR A 48 -16.30 -21.62 4.59
C THR A 48 -14.89 -21.07 4.40
N THR A 49 -14.40 -21.05 3.15
CA THR A 49 -13.06 -20.57 2.87
C THR A 49 -13.04 -19.58 1.70
N TYR A 50 -11.90 -18.92 1.51
CA TYR A 50 -11.73 -17.97 0.41
C TYR A 50 -11.93 -18.64 -0.96
N ALA A 51 -11.46 -19.89 -1.08
CA ALA A 51 -11.64 -20.65 -2.31
C ALA A 51 -13.12 -20.93 -2.59
N GLU A 52 -13.86 -21.27 -1.54
CA GLU A 52 -15.29 -21.53 -1.67
C GLU A 52 -16.08 -20.25 -1.95
N VAL A 53 -15.72 -19.17 -1.25
CA VAL A 53 -16.33 -17.86 -1.43
C VAL A 53 -16.08 -17.37 -2.87
N TYR A 54 -14.86 -17.59 -3.35
CA TYR A 54 -14.49 -17.25 -4.73
C TYR A 54 -15.33 -18.02 -5.76
N GLN A 55 -15.52 -19.31 -5.52
CA GLN A 55 -16.33 -20.17 -6.39
C GLN A 55 -17.78 -19.71 -6.44
N ARG A 56 -18.35 -19.46 -5.27
CA ARG A 56 -19.75 -19.08 -5.15
C ARG A 56 -20.01 -17.64 -5.60
N ALA A 57 -19.01 -16.76 -5.44
CA ALA A 57 -19.11 -15.39 -5.91
C ALA A 57 -19.17 -15.34 -7.43
N ARG A 58 -18.43 -16.24 -8.06
CA ARG A 58 -18.49 -16.41 -9.51
C ARG A 58 -19.87 -16.93 -9.93
N ARG A 59 -20.44 -17.81 -9.12
CA ARG A 59 -21.78 -18.35 -9.35
C ARG A 59 -22.85 -17.28 -9.15
N LEU A 60 -22.59 -16.36 -8.22
CA LEU A 60 -23.50 -15.25 -7.95
C LEU A 60 -23.51 -14.26 -9.12
N MET A 61 -22.35 -14.06 -9.74
CA MET A 61 -22.24 -13.19 -10.92
C MET A 61 -23.09 -13.70 -12.08
N GLY A 62 -22.96 -14.99 -12.38
CA GLY A 62 -23.75 -15.63 -13.42
C GLY A 62 -25.23 -15.65 -13.06
N GLY A 63 -25.52 -15.83 -11.78
CA GLY A 63 -26.88 -15.82 -11.27
C GLY A 63 -27.54 -14.46 -11.38
N LEU A 64 -26.80 -13.42 -11.00
CA LEU A 64 -27.29 -12.04 -11.09
C LEU A 64 -27.50 -11.60 -12.53
N ARG A 65 -26.66 -12.10 -13.43
CA ARG A 65 -26.82 -11.83 -14.86
C ARG A 65 -28.13 -12.41 -15.40
N ALA A 66 -28.51 -13.58 -14.90
CA ALA A 66 -29.77 -14.22 -15.28
C ALA A 66 -30.98 -13.41 -14.81
N LEU A 67 -30.78 -12.59 -13.77
CA LEU A 67 -31.84 -11.73 -13.25
C LEU A 67 -31.85 -10.33 -13.88
N GLY A 68 -31.01 -10.15 -14.91
CA GLY A 68 -30.99 -8.92 -15.67
C GLY A 68 -30.02 -7.84 -15.21
N VAL A 69 -29.08 -8.21 -14.35
CA VAL A 69 -28.09 -7.25 -13.86
C VAL A 69 -26.96 -7.08 -14.87
N GLY A 70 -26.74 -5.83 -15.29
CA GLY A 70 -25.66 -5.50 -16.20
C GLY A 70 -24.68 -4.53 -15.57
N VAL A 71 -23.75 -4.04 -16.37
CA VAL A 71 -22.73 -3.11 -15.90
C VAL A 71 -23.35 -1.76 -15.53
N GLY A 72 -23.05 -1.29 -14.32
CA GLY A 72 -23.56 -0.02 -13.84
C GLY A 72 -24.86 -0.13 -13.07
N ASP A 73 -25.50 -1.29 -13.11
CA ASP A 73 -26.76 -1.52 -12.40
C ASP A 73 -26.53 -1.63 -10.89
N ARG A 74 -27.54 -1.21 -10.12
CA ARG A 74 -27.44 -1.25 -8.67
C ARG A 74 -28.05 -2.53 -8.09
N VAL A 75 -27.26 -3.21 -7.25
CA VAL A 75 -27.72 -4.37 -6.51
C VAL A 75 -27.63 -4.03 -5.03
N ALA A 76 -28.77 -4.05 -4.36
CA ALA A 76 -28.85 -3.64 -2.97
C ALA A 76 -28.79 -4.80 -1.98
N THR A 77 -28.27 -4.52 -0.80
CA THR A 77 -28.26 -5.49 0.30
C THR A 77 -28.86 -4.88 1.56
N LEU A 78 -29.61 -5.70 2.29
CA LEU A 78 -30.12 -5.36 3.60
C LEU A 78 -29.80 -6.53 4.53
N GLY A 79 -28.62 -6.48 5.13
CA GLY A 79 -28.17 -7.57 5.97
C GLY A 79 -26.94 -7.27 6.81
N PHE A 80 -26.69 -8.15 7.78
CA PHE A 80 -25.58 -7.99 8.69
C PHE A 80 -24.37 -8.76 8.17
N ASN A 81 -23.37 -8.98 9.03
CA ASN A 81 -22.12 -9.57 8.61
C ASN A 81 -22.13 -11.09 8.57
N HIS A 82 -22.07 -11.63 7.36
CA HIS A 82 -21.97 -13.08 7.11
C HIS A 82 -21.36 -13.33 5.74
N PHE A 83 -21.08 -14.61 5.45
CA PHE A 83 -20.40 -15.01 4.21
C PHE A 83 -21.14 -14.69 2.91
N ARG A 84 -22.47 -14.72 2.95
CA ARG A 84 -23.28 -14.42 1.76
C ARG A 84 -23.19 -12.94 1.40
N HIS A 85 -23.07 -12.10 2.42
CA HIS A 85 -22.86 -10.67 2.22
C HIS A 85 -21.45 -10.42 1.67
N LEU A 86 -20.49 -11.21 2.12
CA LEU A 86 -19.12 -11.13 1.63
C LEU A 86 -19.01 -11.59 0.18
N GLU A 87 -19.81 -12.59 -0.19
CA GLU A 87 -19.85 -13.07 -1.55
C GLU A 87 -20.41 -11.98 -2.47
N ALA A 88 -21.43 -11.27 -1.98
CA ALA A 88 -22.03 -10.16 -2.69
C ALA A 88 -21.08 -8.95 -2.78
N TYR A 89 -20.24 -8.78 -1.76
CA TYR A 89 -19.25 -7.71 -1.72
C TYR A 89 -18.28 -7.78 -2.90
N PHE A 90 -18.11 -8.98 -3.46
CA PHE A 90 -17.19 -9.18 -4.57
C PHE A 90 -17.88 -9.47 -5.90
N ALA A 91 -18.99 -10.20 -5.85
CA ALA A 91 -19.73 -10.56 -7.06
C ALA A 91 -20.29 -9.35 -7.79
N VAL A 92 -20.92 -8.44 -7.03
CA VAL A 92 -21.54 -7.26 -7.62
C VAL A 92 -20.53 -6.31 -8.29
N PRO A 93 -19.48 -5.90 -7.58
CA PRO A 93 -18.43 -5.10 -8.20
C PRO A 93 -17.65 -5.90 -9.26
N GLY A 94 -17.57 -7.22 -9.06
CA GLY A 94 -16.88 -8.10 -9.98
C GLY A 94 -17.48 -8.16 -11.37
N MET A 95 -18.81 -8.06 -11.44
CA MET A 95 -19.51 -8.11 -12.73
C MET A 95 -19.73 -6.70 -13.31
N GLY A 96 -19.14 -5.70 -12.67
CA GLY A 96 -19.23 -4.33 -13.14
C GLY A 96 -20.47 -3.59 -12.68
N ALA A 97 -21.13 -4.15 -11.67
CA ALA A 97 -22.34 -3.54 -11.12
C ALA A 97 -22.03 -2.78 -9.83
N VAL A 98 -23.04 -2.11 -9.28
CA VAL A 98 -22.87 -1.23 -8.12
C VAL A 98 -23.51 -1.84 -6.87
N LEU A 99 -22.69 -2.06 -5.84
CA LEU A 99 -23.17 -2.61 -4.57
C LEU A 99 -23.75 -1.51 -3.67
N HIS A 100 -25.07 -1.55 -3.49
CA HIS A 100 -25.76 -0.58 -2.65
C HIS A 100 -26.11 -1.20 -1.29
N THR A 101 -25.23 -1.01 -0.32
CA THR A 101 -25.47 -1.51 1.03
C THR A 101 -26.40 -0.55 1.76
N ALA A 102 -27.63 -1.01 2.00
CA ALA A 102 -28.64 -0.19 2.66
C ALA A 102 -28.75 -0.55 4.14
N ASN A 103 -29.08 0.45 4.95
CA ASN A 103 -29.17 0.30 6.40
C ASN A 103 -30.59 -0.09 6.84
N PRO A 104 -30.73 -1.31 7.35
CA PRO A 104 -32.04 -1.83 7.79
C PRO A 104 -32.55 -1.22 9.10
N ARG A 105 -31.69 -0.49 9.80
CA ARG A 105 -32.07 0.13 11.07
C ARG A 105 -32.72 1.50 10.86
N LEU A 106 -32.75 1.95 9.62
CA LEU A 106 -33.43 3.20 9.26
C LEU A 106 -34.94 2.99 9.23
N SER A 107 -35.69 4.09 9.15
CA SER A 107 -37.14 4.02 9.03
C SER A 107 -37.53 3.39 7.70
N PRO A 108 -38.63 2.63 7.68
CA PRO A 108 -39.15 2.05 6.44
C PRO A 108 -39.29 3.07 5.31
N LYS A 109 -39.57 4.32 5.68
CA LYS A 109 -39.74 5.38 4.69
C LYS A 109 -38.39 5.86 4.14
N GLU A 110 -37.36 5.82 5.00
CA GLU A 110 -36.01 6.18 4.61
C GLU A 110 -35.41 5.12 3.67
N ILE A 111 -35.64 3.85 3.99
CA ILE A 111 -35.14 2.74 3.18
C ILE A 111 -35.80 2.71 1.80
N ALA A 112 -37.11 2.92 1.78
CA ALA A 112 -37.86 2.95 0.53
C ALA A 112 -37.42 4.10 -0.37
N TYR A 113 -37.09 5.25 0.23
CA TYR A 113 -36.64 6.41 -0.52
C TYR A 113 -35.31 6.15 -1.21
N ILE A 114 -34.34 5.59 -0.47
CA ILE A 114 -33.00 5.38 -1.00
C ILE A 114 -32.93 4.23 -2.02
N LEU A 115 -33.80 3.25 -1.87
CA LEU A 115 -33.87 2.14 -2.83
C LEU A 115 -34.47 2.62 -4.15
N ASN A 116 -35.42 3.54 -4.06
CA ASN A 116 -36.06 4.14 -5.23
C ASN A 116 -35.16 5.17 -5.90
N HIS A 117 -34.40 5.89 -5.09
CA HIS A 117 -33.49 6.93 -5.58
C HIS A 117 -32.31 6.31 -6.32
N ALA A 118 -31.77 5.23 -5.76
CA ALA A 118 -30.67 4.51 -6.38
C ALA A 118 -31.15 3.63 -7.54
N GLU A 119 -32.46 3.41 -7.60
CA GLU A 119 -33.10 2.61 -8.64
C GLU A 119 -32.53 1.19 -8.69
N ASP A 120 -32.47 0.56 -7.52
CA ASP A 120 -31.95 -0.79 -7.40
C ASP A 120 -32.79 -1.78 -8.19
N LYS A 121 -32.11 -2.69 -8.86
CA LYS A 121 -32.75 -3.69 -9.70
C LYS A 121 -33.02 -4.99 -8.94
N VAL A 122 -32.08 -5.35 -8.06
CA VAL A 122 -32.18 -6.55 -7.25
C VAL A 122 -31.86 -6.22 -5.79
N LEU A 123 -32.62 -6.80 -4.87
CA LEU A 123 -32.41 -6.61 -3.44
C LEU A 123 -32.09 -7.94 -2.73
N LEU A 124 -30.95 -7.96 -2.03
CA LEU A 124 -30.55 -9.11 -1.23
C LEU A 124 -30.72 -8.75 0.24
N PHE A 125 -31.44 -9.60 0.99
CA PHE A 125 -31.74 -9.30 2.38
C PHE A 125 -31.76 -10.53 3.29
N ASP A 126 -31.51 -10.30 4.58
CA ASP A 126 -31.50 -11.37 5.58
C ASP A 126 -32.90 -11.90 5.90
N PRO A 127 -32.99 -13.20 6.20
CA PRO A 127 -34.27 -13.85 6.50
C PRO A 127 -35.06 -13.17 7.62
N ASN A 128 -34.36 -12.74 8.67
CA ASN A 128 -35.00 -12.05 9.79
C ASN A 128 -35.44 -10.62 9.49
N LEU A 129 -35.15 -10.15 8.27
CA LEU A 129 -35.56 -8.82 7.83
C LEU A 129 -36.70 -8.89 6.80
N LEU A 130 -37.30 -10.08 6.67
CA LEU A 130 -38.43 -10.29 5.76
C LEU A 130 -39.63 -9.38 6.05
N PRO A 131 -40.04 -9.28 7.32
CA PRO A 131 -41.16 -8.39 7.68
C PRO A 131 -40.96 -6.95 7.21
N LEU A 132 -39.74 -6.43 7.35
CA LEU A 132 -39.40 -5.08 6.88
C LEU A 132 -39.56 -4.98 5.37
N VAL A 133 -39.06 -5.98 4.66
CA VAL A 133 -39.14 -6.02 3.20
C VAL A 133 -40.59 -6.14 2.73
N GLU A 134 -41.37 -6.99 3.41
CA GLU A 134 -42.79 -7.16 3.12
C GLU A 134 -43.55 -5.84 3.27
N ALA A 135 -43.09 -5.01 4.20
CA ALA A 135 -43.72 -3.72 4.51
C ALA A 135 -43.43 -2.63 3.48
N ILE A 136 -42.21 -2.63 2.94
CA ILE A 136 -41.81 -1.58 2.00
C ILE A 136 -41.90 -2.00 0.53
N ARG A 137 -42.14 -3.29 0.30
CA ARG A 137 -42.23 -3.84 -1.05
C ARG A 137 -43.21 -3.07 -1.94
N GLY A 138 -44.37 -2.75 -1.39
CA GLY A 138 -45.39 -2.01 -2.12
C GLY A 138 -44.98 -0.60 -2.50
N GLU A 139 -43.97 -0.07 -1.81
CA GLU A 139 -43.47 1.29 -2.06
C GLU A 139 -42.31 1.32 -3.05
N LEU A 140 -41.68 0.17 -3.27
CA LEU A 140 -40.54 0.08 -4.19
C LEU A 140 -41.01 0.09 -5.64
N LYS A 141 -40.31 0.85 -6.48
CA LYS A 141 -40.72 1.05 -7.87
C LYS A 141 -39.78 0.43 -8.89
N THR A 142 -38.61 -0.03 -8.45
CA THR A 142 -37.59 -0.52 -9.38
C THR A 142 -37.10 -1.96 -9.13
N VAL A 143 -37.19 -2.42 -7.89
CA VAL A 143 -36.71 -3.76 -7.55
C VAL A 143 -37.51 -4.83 -8.28
N GLN A 144 -36.82 -5.63 -9.09
CA GLN A 144 -37.46 -6.64 -9.93
C GLN A 144 -37.34 -8.04 -9.33
N HIS A 145 -36.37 -8.21 -8.45
CA HIS A 145 -36.11 -9.51 -7.82
C HIS A 145 -35.70 -9.37 -6.36
N PHE A 146 -36.45 -10.04 -5.49
CA PHE A 146 -36.17 -10.02 -4.06
C PHE A 146 -35.53 -11.34 -3.65
N VAL A 147 -34.32 -11.26 -3.12
CA VAL A 147 -33.54 -12.44 -2.79
C VAL A 147 -33.27 -12.56 -1.29
N VAL A 148 -33.74 -13.65 -0.68
CA VAL A 148 -33.47 -13.95 0.71
C VAL A 148 -32.11 -14.63 0.80
N MET A 149 -31.22 -14.07 1.61
CA MET A 149 -29.88 -14.63 1.80
C MET A 149 -29.92 -15.86 2.70
N ASP A 150 -30.39 -16.97 2.14
CA ASP A 150 -30.61 -18.21 2.86
C ASP A 150 -30.86 -19.35 1.89
N GLU A 151 -30.99 -20.57 2.41
CA GLU A 151 -31.28 -21.74 1.59
C GLU A 151 -32.72 -21.74 1.09
N LYS A 152 -33.62 -21.19 1.91
CA LYS A 152 -35.05 -21.20 1.62
C LYS A 152 -35.65 -19.81 1.53
N ALA A 153 -36.72 -19.69 0.74
CA ALA A 153 -37.44 -18.43 0.58
C ALA A 153 -38.94 -18.66 0.46
N PRO A 154 -39.75 -17.77 1.05
CA PRO A 154 -41.21 -17.87 0.95
C PRO A 154 -41.73 -17.52 -0.44
N GLU A 155 -43.03 -17.70 -0.64
CA GLU A 155 -43.69 -17.42 -1.93
C GLU A 155 -43.48 -15.97 -2.36
N GLY A 156 -43.19 -15.80 -3.64
CA GLY A 156 -42.92 -14.47 -4.20
C GLY A 156 -41.49 -14.01 -3.95
N TYR A 157 -40.69 -14.90 -3.37
CA TYR A 157 -39.30 -14.59 -3.07
C TYR A 157 -38.36 -15.65 -3.62
N LEU A 158 -37.13 -15.22 -3.95
CA LEU A 158 -36.11 -16.11 -4.48
C LEU A 158 -35.06 -16.36 -3.42
N ALA A 159 -34.64 -17.63 -3.31
CA ALA A 159 -33.61 -18.00 -2.34
C ALA A 159 -32.23 -17.79 -2.95
N TYR A 160 -31.30 -17.32 -2.13
CA TYR A 160 -29.93 -17.05 -2.53
C TYR A 160 -29.28 -18.25 -3.21
N GLU A 161 -29.40 -19.41 -2.57
CA GLU A 161 -28.80 -20.65 -3.08
C GLU A 161 -29.46 -21.09 -4.38
N GLU A 162 -30.72 -20.74 -4.56
CA GLU A 162 -31.44 -21.01 -5.81
C GLU A 162 -31.06 -19.99 -6.88
N ALA A 163 -30.72 -18.78 -6.44
CA ALA A 163 -30.35 -17.69 -7.35
C ALA A 163 -28.98 -17.91 -7.99
N LEU A 164 -28.10 -18.59 -7.28
CA LEU A 164 -26.76 -18.88 -7.80
C LEU A 164 -26.87 -19.62 -9.13
N GLY A 165 -26.13 -19.15 -10.12
CA GLY A 165 -26.13 -19.76 -11.44
C GLY A 165 -24.80 -20.41 -11.76
N GLU A 166 -24.47 -20.44 -13.05
CA GLU A 166 -23.20 -20.98 -13.52
C GLU A 166 -22.06 -20.00 -13.23
N GLU A 167 -20.86 -20.53 -12.99
CA GLU A 167 -19.69 -19.71 -12.76
C GLU A 167 -19.41 -18.79 -13.94
N ALA A 168 -19.20 -17.51 -13.65
CA ALA A 168 -18.93 -16.51 -14.69
C ALA A 168 -17.64 -15.76 -14.36
N ASP A 169 -16.93 -15.34 -15.42
CA ASP A 169 -15.72 -14.55 -15.28
C ASP A 169 -16.09 -13.10 -14.93
N PRO A 170 -15.24 -12.45 -14.14
CA PRO A 170 -15.45 -11.05 -13.76
C PRO A 170 -15.41 -10.11 -14.97
N VAL A 171 -16.22 -9.07 -14.93
CA VAL A 171 -16.21 -8.05 -15.98
C VAL A 171 -15.19 -6.97 -15.62
N ARG A 172 -14.36 -6.59 -16.59
CA ARG A 172 -13.37 -5.55 -16.36
C ARG A 172 -13.89 -4.18 -16.77
N VAL A 173 -13.75 -3.22 -15.85
CA VAL A 173 -14.17 -1.84 -16.07
C VAL A 173 -13.01 -0.90 -15.78
N PRO A 174 -13.03 0.32 -16.31
CA PRO A 174 -12.06 1.34 -15.91
C PRO A 174 -12.16 1.55 -14.40
N GLU A 175 -11.02 1.71 -13.72
CA GLU A 175 -10.99 1.78 -12.26
C GLU A 175 -11.85 2.91 -11.66
N ARG A 176 -12.07 3.97 -12.42
CA ARG A 176 -12.85 5.12 -11.95
C ARG A 176 -14.37 4.87 -12.02
N ALA A 177 -14.77 3.75 -12.58
CA ALA A 177 -16.19 3.39 -12.66
C ALA A 177 -16.74 2.97 -11.30
N ALA A 178 -18.06 3.12 -11.15
CA ALA A 178 -18.76 2.79 -9.91
C ALA A 178 -18.62 1.33 -9.53
N CYS A 179 -18.41 1.07 -8.24
CA CYS A 179 -18.32 -0.28 -7.71
C CYS A 179 -19.34 -0.47 -6.59
N GLY A 180 -19.68 0.62 -5.90
CA GLY A 180 -20.62 0.58 -4.81
C GLY A 180 -21.13 1.96 -4.44
N MET A 181 -22.22 2.00 -3.66
CA MET A 181 -22.79 3.26 -3.22
C MET A 181 -23.48 3.15 -1.85
N ALA A 182 -23.53 4.27 -1.14
CA ALA A 182 -24.15 4.33 0.18
C ALA A 182 -24.72 5.72 0.44
N TYR A 183 -25.86 5.75 1.11
CA TYR A 183 -26.52 7.00 1.48
C TYR A 183 -26.27 7.31 2.94
N THR A 184 -26.06 8.58 3.25
CA THR A 184 -25.87 9.01 4.63
C THR A 184 -27.09 9.75 5.16
N THR A 185 -27.45 9.47 6.41
CA THR A 185 -28.55 10.16 7.07
C THR A 185 -28.03 11.28 7.98
N GLY A 186 -26.70 11.43 8.01
CA GLY A 186 -26.06 12.49 8.77
C GLY A 186 -26.07 13.82 8.05
N THR A 187 -27.27 14.26 7.64
CA THR A 187 -27.48 15.56 7.01
C THR A 187 -28.88 16.04 7.35
N THR A 188 -29.19 17.25 6.90
CA THR A 188 -30.52 17.79 7.02
C THR A 188 -31.32 17.40 5.78
N GLY A 189 -32.59 17.07 5.98
CA GLY A 189 -33.45 16.70 4.87
C GLY A 189 -33.27 15.25 4.43
N LEU A 190 -33.30 15.04 3.13
CA LEU A 190 -33.24 13.70 2.53
C LEU A 190 -31.83 13.11 2.57
N PRO A 191 -31.74 11.78 2.68
CA PRO A 191 -30.44 11.09 2.62
C PRO A 191 -29.69 11.40 1.34
N LYS A 192 -28.37 11.56 1.44
CA LYS A 192 -27.54 11.90 0.30
C LYS A 192 -26.66 10.72 -0.12
N GLY A 193 -26.61 10.47 -1.42
CA GLY A 193 -25.90 9.30 -1.95
C GLY A 193 -24.46 9.55 -2.37
N VAL A 194 -23.59 8.61 -1.98
CA VAL A 194 -22.18 8.65 -2.33
C VAL A 194 -21.83 7.41 -3.15
N VAL A 195 -21.23 7.62 -4.32
CA VAL A 195 -20.86 6.51 -5.21
C VAL A 195 -19.34 6.32 -5.24
N TYR A 196 -18.89 5.18 -4.73
CA TYR A 196 -17.47 4.83 -4.71
C TYR A 196 -17.02 4.18 -6.00
N SER A 197 -15.71 4.26 -6.28
CA SER A 197 -15.13 3.61 -7.43
C SER A 197 -14.19 2.49 -7.01
N HIS A 198 -13.92 1.56 -7.93
CA HIS A 198 -12.96 0.48 -7.69
C HIS A 198 -11.63 1.08 -7.26
N ARG A 199 -11.20 2.11 -7.98
CA ARG A 199 -9.97 2.84 -7.70
C ARG A 199 -9.93 3.33 -6.25
N ALA A 200 -11.02 3.95 -5.81
CA ALA A 200 -11.11 4.52 -4.47
C ALA A 200 -10.97 3.47 -3.37
N LEU A 201 -11.76 2.40 -3.46
CA LEU A 201 -11.79 1.39 -2.41
C LEU A 201 -10.54 0.51 -2.38
N VAL A 202 -9.88 0.36 -3.52
CA VAL A 202 -8.62 -0.38 -3.57
C VAL A 202 -7.49 0.43 -2.92
N LEU A 203 -7.38 1.70 -3.30
CA LEU A 203 -6.40 2.61 -2.72
C LEU A 203 -6.63 2.79 -1.22
N HIS A 204 -7.90 2.91 -0.84
CA HIS A 204 -8.31 3.07 0.55
C HIS A 204 -7.93 1.86 1.41
N SER A 205 -8.13 0.66 0.86
CA SER A 205 -7.82 -0.58 1.55
C SER A 205 -6.31 -0.71 1.81
N LEU A 206 -5.51 -0.27 0.84
CA LEU A 206 -4.05 -0.33 0.95
C LEU A 206 -3.51 0.62 2.02
N ALA A 207 -3.88 1.90 1.91
CA ALA A 207 -3.35 2.94 2.77
C ALA A 207 -3.76 2.82 4.25
N ALA A 208 -4.93 2.24 4.51
CA ALA A 208 -5.43 2.09 5.87
C ALA A 208 -4.92 0.81 6.54
N SER A 209 -4.26 -0.04 5.76
CA SER A 209 -3.76 -1.33 6.25
C SER A 209 -2.29 -1.29 6.67
N LEU A 210 -1.63 -0.16 6.47
CA LEU A 210 -0.22 0.00 6.85
C LEU A 210 -0.02 -0.15 8.36
N VAL A 211 1.22 -0.37 8.78
CA VAL A 211 1.56 -0.60 10.19
C VAL A 211 1.02 0.49 11.13
N ASP A 212 1.16 1.75 10.71
CA ASP A 212 0.67 2.88 11.51
C ASP A 212 -0.86 3.03 11.45
N GLY A 213 -1.49 2.21 10.60
CA GLY A 213 -2.94 2.13 10.54
C GLY A 213 -3.41 0.86 11.24
N THR A 214 -4.17 0.03 10.54
CA THR A 214 -4.70 -1.21 11.12
C THR A 214 -3.65 -2.33 11.20
N ALA A 215 -2.60 -2.22 10.38
CA ALA A 215 -1.54 -3.23 10.31
C ALA A 215 -2.08 -4.63 10.00
N LEU A 216 -2.93 -4.72 8.98
CA LEU A 216 -3.54 -6.00 8.61
C LEU A 216 -2.54 -6.96 7.99
N SER A 217 -2.56 -8.21 8.46
CA SER A 217 -1.62 -9.22 8.01
C SER A 217 -2.38 -10.53 7.73
N GLU A 218 -1.71 -11.45 7.02
CA GLU A 218 -2.25 -12.78 6.76
C GLU A 218 -2.48 -13.54 8.06
N LYS A 219 -1.61 -13.36 9.04
CA LYS A 219 -1.70 -14.05 10.33
C LYS A 219 -2.88 -13.56 11.18
N ASP A 220 -3.42 -12.39 10.83
CA ASP A 220 -4.52 -11.80 11.58
C ASP A 220 -5.82 -12.59 11.44
N VAL A 221 -6.65 -12.50 12.47
CA VAL A 221 -8.00 -13.04 12.45
C VAL A 221 -8.91 -11.85 12.72
N VAL A 222 -9.67 -11.47 11.69
CA VAL A 222 -10.38 -10.20 11.68
C VAL A 222 -11.88 -10.36 11.92
N LEU A 223 -12.39 -9.64 12.92
CA LEU A 223 -13.82 -9.62 13.22
C LEU A 223 -14.38 -8.21 13.08
N PRO A 224 -15.10 -7.94 11.99
CA PRO A 224 -15.77 -6.65 11.81
C PRO A 224 -17.07 -6.57 12.60
N VAL A 225 -17.04 -5.84 13.72
CA VAL A 225 -18.26 -5.59 14.50
C VAL A 225 -19.05 -4.49 13.81
N VAL A 226 -18.34 -3.55 13.19
CA VAL A 226 -18.96 -2.53 12.34
C VAL A 226 -19.81 -3.21 11.28
N PRO A 227 -21.07 -2.81 11.16
CA PRO A 227 -22.00 -3.42 10.19
C PRO A 227 -21.56 -3.22 8.75
N MET A 228 -21.82 -4.22 7.91
CA MET A 228 -21.48 -4.16 6.49
C MET A 228 -22.35 -3.16 5.72
N PHE A 229 -23.22 -2.46 6.44
CA PHE A 229 -24.02 -1.39 5.86
C PHE A 229 -23.59 -0.01 6.39
N HIS A 230 -22.44 0.02 7.06
CA HIS A 230 -21.81 1.28 7.50
C HIS A 230 -20.53 1.51 6.69
N VAL A 231 -20.64 2.31 5.63
CA VAL A 231 -19.52 2.57 4.71
C VAL A 231 -18.74 1.29 4.39
N ASN A 232 -19.47 0.26 3.99
CA ASN A 232 -18.92 -1.06 3.65
C ASN A 232 -18.10 -1.69 4.78
N ALA A 233 -18.65 -1.63 5.99
CA ALA A 233 -17.95 -2.09 7.21
C ALA A 233 -16.56 -1.47 7.32
N TRP A 234 -16.49 -0.18 6.98
CA TRP A 234 -15.24 0.59 6.98
C TRP A 234 -14.16 0.00 6.06
N CYS A 235 -14.61 -0.70 5.02
CA CYS A 235 -13.73 -1.38 4.05
C CYS A 235 -12.93 -2.54 4.64
N LEU A 236 -13.27 -2.93 5.88
CA LEU A 236 -12.57 -4.01 6.57
C LEU A 236 -12.61 -5.37 5.84
N PRO A 237 -13.78 -5.81 5.36
CA PRO A 237 -13.88 -7.08 4.63
C PRO A 237 -13.03 -7.09 3.35
N TYR A 238 -12.90 -5.94 2.69
CA TYR A 238 -12.06 -5.84 1.50
C TYR A 238 -10.58 -5.95 1.84
N ALA A 239 -10.15 -5.23 2.87
CA ALA A 239 -8.76 -5.21 3.28
C ALA A 239 -8.30 -6.52 3.92
N ALA A 240 -9.22 -7.20 4.60
CA ALA A 240 -8.92 -8.49 5.21
C ALA A 240 -8.75 -9.57 4.14
N THR A 241 -9.51 -9.44 3.05
CA THR A 241 -9.39 -10.33 1.90
C THR A 241 -8.07 -10.08 1.17
N LEU A 242 -7.69 -8.81 1.09
CA LEU A 242 -6.46 -8.40 0.42
C LEU A 242 -5.22 -9.06 1.04
N VAL A 243 -5.17 -9.12 2.36
CA VAL A 243 -4.01 -9.70 3.05
C VAL A 243 -4.15 -11.22 3.27
N GLY A 244 -5.35 -11.73 3.09
CA GLY A 244 -5.62 -13.15 3.25
C GLY A 244 -5.85 -13.54 4.69
N ALA A 245 -6.31 -12.59 5.49
CA ALA A 245 -6.60 -12.83 6.90
C ALA A 245 -7.88 -13.65 7.07
N LYS A 246 -7.94 -14.43 8.13
CA LYS A 246 -9.16 -15.15 8.49
C LYS A 246 -10.21 -14.14 8.93
N GLN A 247 -11.43 -14.33 8.48
CA GLN A 247 -12.53 -13.43 8.81
C GLN A 247 -13.58 -14.12 9.68
N VAL A 248 -13.99 -13.44 10.75
CA VAL A 248 -15.05 -13.92 11.61
C VAL A 248 -16.19 -12.91 11.59
N LEU A 249 -17.33 -13.32 11.03
CA LEU A 249 -18.46 -12.42 10.83
C LEU A 249 -19.58 -12.73 11.84
N PRO A 250 -19.79 -11.80 12.77
CA PRO A 250 -20.63 -12.05 13.96
C PRO A 250 -22.14 -12.04 13.73
N GLY A 251 -22.61 -11.51 12.61
CA GLY A 251 -24.04 -11.39 12.37
C GLY A 251 -24.66 -10.29 13.21
N PRO A 252 -25.98 -10.33 13.37
CA PRO A 252 -26.69 -9.29 14.14
C PRO A 252 -26.42 -9.31 15.66
N ARG A 253 -26.01 -10.46 16.20
CA ARG A 253 -25.77 -10.58 17.64
C ARG A 253 -24.44 -9.93 18.07
N LEU A 254 -24.54 -8.74 18.63
CA LEU A 254 -23.35 -8.00 19.07
C LEU A 254 -23.27 -7.86 20.60
N ASP A 255 -24.07 -8.65 21.31
CA ASP A 255 -24.02 -8.67 22.77
C ASP A 255 -22.66 -9.22 23.22
N PRO A 256 -22.17 -8.74 24.37
CA PRO A 256 -20.84 -9.11 24.86
C PRO A 256 -20.56 -10.62 24.94
N ALA A 257 -21.53 -11.41 25.42
CA ALA A 257 -21.37 -12.86 25.53
C ALA A 257 -21.17 -13.53 24.17
N SER A 258 -21.93 -13.08 23.18
CA SER A 258 -21.82 -13.58 21.82
C SER A 258 -20.47 -13.24 21.18
N LEU A 259 -19.96 -12.05 21.47
CA LEU A 259 -18.69 -11.60 20.90
C LEU A 259 -17.49 -12.31 21.53
N VAL A 260 -17.48 -12.38 22.86
CA VAL A 260 -16.43 -13.06 23.61
C VAL A 260 -16.26 -14.51 23.11
N GLU A 261 -17.39 -15.15 22.85
CA GLU A 261 -17.45 -16.51 22.33
C GLU A 261 -16.69 -16.63 21.00
N LEU A 262 -16.94 -15.68 20.09
CA LEU A 262 -16.26 -15.65 18.80
C LEU A 262 -14.81 -15.19 18.94
N PHE A 263 -14.57 -14.26 19.86
CA PHE A 263 -13.22 -13.76 20.12
C PHE A 263 -12.28 -14.87 20.54
N ASP A 264 -12.69 -15.64 21.55
CA ASP A 264 -11.87 -16.71 22.10
C ASP A 264 -11.91 -17.96 21.22
N GLY A 265 -13.10 -18.32 20.75
CA GLY A 265 -13.30 -19.54 19.99
C GLY A 265 -12.59 -19.59 18.65
N GLU A 266 -12.49 -18.44 17.98
CA GLU A 266 -11.90 -18.37 16.64
C GLU A 266 -10.53 -17.70 16.63
N GLY A 267 -10.09 -17.24 17.80
CA GLY A 267 -8.76 -16.64 17.94
C GLY A 267 -8.61 -15.29 17.28
N VAL A 268 -9.59 -14.41 17.49
CA VAL A 268 -9.59 -13.07 16.91
C VAL A 268 -8.42 -12.24 17.41
N THR A 269 -7.72 -11.58 16.49
CA THR A 269 -6.57 -10.74 16.82
C THR A 269 -6.84 -9.26 16.59
N PHE A 270 -7.69 -8.96 15.60
CA PHE A 270 -8.05 -7.60 15.26
C PHE A 270 -9.56 -7.44 15.13
N THR A 271 -10.08 -6.34 15.65
CA THR A 271 -11.52 -6.03 15.53
C THR A 271 -11.77 -4.52 15.42
N ALA A 272 -12.95 -4.15 14.92
CA ALA A 272 -13.32 -2.75 14.72
C ALA A 272 -14.83 -2.54 14.85
N GLY A 273 -15.20 -1.48 15.58
CA GLY A 273 -16.60 -1.16 15.81
C GLY A 273 -16.83 0.19 16.47
N VAL A 274 -18.10 0.52 16.71
CA VAL A 274 -18.48 1.78 17.34
C VAL A 274 -18.30 1.73 18.87
N PRO A 275 -18.14 2.89 19.51
CA PRO A 275 -17.89 2.97 20.96
C PRO A 275 -18.93 2.25 21.83
N THR A 276 -20.21 2.34 21.46
CA THR A 276 -21.29 1.75 22.25
C THR A 276 -21.09 0.25 22.48
N VAL A 277 -20.75 -0.46 21.42
CA VAL A 277 -20.53 -1.91 21.48
C VAL A 277 -19.32 -2.24 22.35
N TRP A 278 -18.27 -1.43 22.26
CA TRP A 278 -17.04 -1.66 23.02
C TRP A 278 -17.21 -1.37 24.51
N LEU A 279 -18.10 -0.44 24.84
CA LEU A 279 -18.37 -0.10 26.24
C LEU A 279 -19.11 -1.23 26.93
N ALA A 280 -20.04 -1.85 26.21
CA ALA A 280 -20.79 -2.99 26.73
C ALA A 280 -19.87 -4.20 26.91
N LEU A 281 -18.94 -4.38 25.97
CA LEU A 281 -17.98 -5.47 26.03
C LEU A 281 -17.01 -5.30 27.21
N ALA A 282 -16.47 -4.10 27.37
CA ALA A 282 -15.56 -3.80 28.47
C ALA A 282 -16.24 -3.97 29.83
N ASP A 283 -17.51 -3.58 29.91
CA ASP A 283 -18.31 -3.74 31.13
C ASP A 283 -18.43 -5.21 31.53
N TYR A 284 -18.71 -6.05 30.53
CA TYR A 284 -18.87 -7.49 30.72
C TYR A 284 -17.56 -8.19 31.08
N LEU A 285 -16.46 -7.76 30.46
CA LEU A 285 -15.16 -8.37 30.73
C LEU A 285 -14.68 -8.04 32.15
N GLU A 286 -15.01 -6.84 32.61
CA GLU A 286 -14.67 -6.40 33.96
C GLU A 286 -15.49 -7.11 35.03
N SER A 287 -16.78 -7.30 34.76
CA SER A 287 -17.68 -7.94 35.71
C SER A 287 -17.42 -9.44 35.88
N THR A 288 -17.00 -10.10 34.79
CA THR A 288 -16.71 -11.53 34.83
C THR A 288 -15.24 -11.81 35.11
N GLY A 289 -14.42 -10.76 35.11
CA GLY A 289 -12.99 -10.91 35.30
C GLY A 289 -12.33 -11.66 34.15
N HIS A 290 -13.01 -11.69 33.01
CA HIS A 290 -12.54 -12.44 31.85
C HIS A 290 -11.56 -11.62 31.02
N ARG A 291 -10.54 -12.29 30.51
CA ARG A 291 -9.59 -11.67 29.59
C ARG A 291 -9.58 -12.41 28.27
N LEU A 292 -9.69 -11.65 27.18
CA LEU A 292 -9.65 -12.22 25.84
C LEU A 292 -8.25 -12.75 25.54
N LYS A 293 -8.18 -14.01 25.13
CA LYS A 293 -6.90 -14.71 25.02
C LYS A 293 -6.07 -14.37 23.76
N THR A 294 -6.69 -13.79 22.74
CA THR A 294 -5.96 -13.51 21.50
C THR A 294 -6.06 -12.08 20.99
N LEU A 295 -7.10 -11.36 21.40
CA LEU A 295 -7.32 -10.00 20.93
C LEU A 295 -6.24 -9.03 21.40
N ARG A 296 -5.53 -8.46 20.44
CA ARG A 296 -4.43 -7.54 20.72
C ARG A 296 -4.74 -6.12 20.25
N ARG A 297 -5.47 -6.00 19.15
CA ARG A 297 -5.74 -4.70 18.55
C ARG A 297 -7.23 -4.45 18.39
N LEU A 298 -7.65 -3.25 18.81
CA LEU A 298 -9.04 -2.85 18.71
C LEU A 298 -9.13 -1.45 18.09
N VAL A 299 -9.98 -1.33 17.08
CA VAL A 299 -10.21 -0.05 16.42
C VAL A 299 -11.59 0.48 16.78
N VAL A 300 -11.67 1.77 17.09
CA VAL A 300 -12.93 2.42 17.40
C VAL A 300 -13.17 3.64 16.50
N GLY A 301 -14.37 3.73 15.94
CA GLY A 301 -14.73 4.83 15.06
C GLY A 301 -16.23 5.11 15.04
N GLY A 302 -16.63 6.08 14.22
CA GLY A 302 -18.03 6.48 14.11
C GLY A 302 -18.37 7.64 15.03
N SER A 303 -17.75 7.63 16.22
CA SER A 303 -17.97 8.66 17.22
C SER A 303 -16.71 8.81 18.07
N ALA A 304 -16.61 9.92 18.79
CA ALA A 304 -15.45 10.17 19.65
C ALA A 304 -15.34 9.14 20.76
N ALA A 305 -14.24 8.41 20.78
CA ALA A 305 -13.97 7.43 21.82
C ALA A 305 -13.58 8.14 23.10
N PRO A 306 -14.30 7.87 24.19
CA PRO A 306 -13.98 8.47 25.49
C PRO A 306 -12.61 8.04 25.99
N ARG A 307 -11.98 8.91 26.77
CA ARG A 307 -10.68 8.63 27.38
C ARG A 307 -10.73 7.36 28.23
N SER A 308 -11.84 7.19 28.94
CA SER A 308 -12.04 6.02 29.79
C SER A 308 -12.06 4.71 29.00
N LEU A 309 -12.67 4.73 27.82
CA LEU A 309 -12.78 3.54 26.97
C LEU A 309 -11.41 3.02 26.52
N ILE A 310 -10.49 3.93 26.20
CA ILE A 310 -9.15 3.54 25.79
C ILE A 310 -8.35 2.97 26.96
N ALA A 311 -8.30 3.72 28.07
CA ALA A 311 -7.60 3.28 29.28
C ALA A 311 -8.16 1.96 29.81
N ARG A 312 -9.48 1.83 29.72
CA ARG A 312 -10.23 0.63 30.07
C ARG A 312 -9.66 -0.63 29.43
N PHE A 313 -9.40 -0.54 28.12
CA PHE A 313 -8.92 -1.68 27.35
C PHE A 313 -7.40 -1.87 27.42
N GLU A 314 -6.67 -0.77 27.57
CA GLU A 314 -5.21 -0.83 27.73
C GLU A 314 -4.87 -1.57 29.03
N ARG A 315 -5.73 -1.39 30.02
CA ARG A 315 -5.62 -2.07 31.32
C ARG A 315 -5.67 -3.59 31.17
N MET A 316 -6.38 -4.05 30.14
CA MET A 316 -6.54 -5.48 29.89
C MET A 316 -5.61 -6.00 28.79
N GLY A 317 -4.64 -5.19 28.41
CA GLY A 317 -3.66 -5.56 27.39
C GLY A 317 -4.17 -5.47 25.97
N VAL A 318 -5.17 -4.61 25.75
CA VAL A 318 -5.71 -4.41 24.40
C VAL A 318 -5.37 -3.01 23.90
N GLU A 319 -4.68 -2.95 22.76
CA GLU A 319 -4.32 -1.67 22.15
C GLU A 319 -5.52 -1.08 21.42
N VAL A 320 -5.89 0.14 21.80
CA VAL A 320 -7.01 0.84 21.18
C VAL A 320 -6.53 1.95 20.25
N ARG A 321 -6.96 1.89 19.00
CA ARG A 321 -6.60 2.91 18.02
C ARG A 321 -7.85 3.53 17.42
N GLN A 322 -7.95 4.85 17.54
CA GLN A 322 -9.09 5.58 17.02
C GLN A 322 -8.94 5.84 15.53
N GLY A 323 -10.06 5.83 14.83
CA GLY A 323 -10.12 6.17 13.42
C GLY A 323 -11.32 7.07 13.15
N TYR A 324 -11.21 7.89 12.10
CA TYR A 324 -12.25 8.85 11.77
C TYR A 324 -12.51 8.91 10.28
N GLY A 325 -13.78 9.09 9.92
CA GLY A 325 -14.18 9.21 8.53
C GLY A 325 -15.67 9.37 8.33
N LEU A 326 -16.08 9.48 7.07
CA LEU A 326 -17.48 9.70 6.71
C LEU A 326 -17.90 8.76 5.58
N THR A 327 -19.20 8.59 5.41
CA THR A 327 -19.74 7.86 4.24
C THR A 327 -19.16 8.48 2.97
N GLU A 328 -18.95 9.79 3.01
CA GLU A 328 -18.41 10.54 1.88
C GLU A 328 -16.92 10.32 1.64
N THR A 329 -16.23 9.63 2.55
CA THR A 329 -14.79 9.49 2.46
C THR A 329 -14.25 8.05 2.50
N SER A 330 -15.17 7.08 2.41
CA SER A 330 -14.83 5.68 2.09
C SER A 330 -14.52 4.60 3.16
N PRO A 331 -14.42 4.89 4.47
CA PRO A 331 -14.52 6.22 5.07
C PRO A 331 -13.21 6.80 5.61
N VAL A 332 -12.20 5.96 5.83
CA VAL A 332 -11.01 6.34 6.61
C VAL A 332 -10.17 7.47 6.00
N VAL A 333 -9.96 8.52 6.80
CA VAL A 333 -9.06 9.60 6.42
C VAL A 333 -8.06 9.91 7.56
N VAL A 334 -8.42 9.53 8.78
CA VAL A 334 -7.61 9.80 9.96
C VAL A 334 -7.52 8.54 10.83
N GLN A 335 -6.29 8.19 11.24
CA GLN A 335 -6.06 7.08 12.16
C GLN A 335 -5.09 7.50 13.24
N ASN A 336 -5.37 7.07 14.47
CA ASN A 336 -4.52 7.41 15.61
C ASN A 336 -3.46 6.36 15.89
N PHE A 337 -2.23 6.85 16.08
CA PHE A 337 -1.13 6.06 16.60
C PHE A 337 -0.15 7.00 17.29
N VAL A 338 0.59 6.49 18.26
CA VAL A 338 1.56 7.29 18.99
C VAL A 338 2.88 7.35 18.23
N LYS A 339 3.36 8.58 17.99
CA LYS A 339 4.65 8.80 17.34
C LYS A 339 5.78 8.22 18.17
N SER A 340 6.88 7.85 17.52
CA SER A 340 8.02 7.24 18.20
C SER A 340 8.65 8.13 19.27
N HIS A 341 8.79 9.42 18.97
CA HIS A 341 9.40 10.36 19.90
C HIS A 341 8.47 10.77 21.05
N LEU A 342 7.17 10.53 20.90
CA LEU A 342 6.18 10.86 21.92
C LEU A 342 5.89 9.67 22.85
N GLU A 343 6.68 8.61 22.72
CA GLU A 343 6.53 7.44 23.59
C GLU A 343 7.10 7.71 24.98
N SER A 344 7.98 8.70 25.07
CA SER A 344 8.60 9.08 26.34
C SER A 344 7.66 9.86 27.25
N LEU A 345 6.48 10.20 26.73
CA LEU A 345 5.47 10.93 27.48
C LEU A 345 4.94 10.11 28.65
N SER A 346 4.44 10.80 29.67
CA SER A 346 3.81 10.14 30.81
C SER A 346 2.51 9.46 30.38
N GLU A 347 2.09 8.45 31.16
CA GLU A 347 0.90 7.66 30.84
C GLU A 347 -0.36 8.52 30.72
N GLU A 348 -0.44 9.59 31.49
CA GLU A 348 -1.55 10.54 31.41
C GLU A 348 -1.55 11.28 30.08
N GLU A 349 -0.37 11.77 29.69
CA GLU A 349 -0.20 12.52 28.43
C GLU A 349 -0.40 11.63 27.21
N LYS A 350 0.00 10.36 27.33
CA LYS A 350 -0.12 9.40 26.25
C LYS A 350 -1.57 8.98 26.03
N LEU A 351 -2.33 8.93 27.12
CA LEU A 351 -3.74 8.60 27.06
C LEU A 351 -4.53 9.73 26.39
N THR A 352 -4.14 10.97 26.70
CA THR A 352 -4.72 12.16 26.09
C THR A 352 -4.47 12.16 24.58
N LEU A 353 -3.27 11.73 24.18
CA LEU A 353 -2.89 11.61 22.79
C LEU A 353 -3.69 10.51 22.08
N LYS A 354 -3.89 9.40 22.76
CA LYS A 354 -4.67 8.29 22.23
C LYS A 354 -6.14 8.67 22.09
N ALA A 355 -6.61 9.55 22.97
CA ALA A 355 -8.00 10.00 22.97
C ALA A 355 -8.30 11.01 21.86
N LYS A 356 -7.25 11.58 21.28
CA LYS A 356 -7.40 12.47 20.14
C LYS A 356 -7.81 11.67 18.90
N THR A 357 -8.37 12.37 17.91
CA THR A 357 -8.84 11.74 16.68
C THR A 357 -7.72 11.00 15.92
N GLY A 358 -6.57 11.65 15.79
CA GLY A 358 -5.41 10.99 15.20
C GLY A 358 -4.71 11.77 14.09
N LEU A 359 -3.92 11.06 13.31
CA LEU A 359 -3.14 11.66 12.23
C LEU A 359 -3.74 11.36 10.86
N PRO A 360 -3.70 12.33 9.94
CA PRO A 360 -4.17 12.12 8.57
C PRO A 360 -3.39 11.01 7.90
N ILE A 361 -4.09 10.11 7.21
CA ILE A 361 -3.45 8.94 6.60
C ILE A 361 -2.93 9.22 5.18
N PRO A 362 -2.02 8.38 4.68
CA PRO A 362 -1.45 8.57 3.34
C PRO A 362 -2.49 8.72 2.23
N LEU A 363 -2.16 9.50 1.21
CA LEU A 363 -3.04 9.80 0.07
C LEU A 363 -4.25 10.66 0.44
N VAL A 364 -4.23 11.24 1.64
CA VAL A 364 -5.29 12.15 2.08
C VAL A 364 -4.68 13.53 2.35
N ARG A 365 -5.33 14.56 1.82
CA ARG A 365 -4.95 15.93 2.11
C ARG A 365 -5.95 16.51 3.09
N LEU A 366 -5.52 16.70 4.33
CA LEU A 366 -6.39 17.22 5.38
C LEU A 366 -5.97 18.61 5.82
N ARG A 367 -6.97 19.46 6.09
CA ARG A 367 -6.73 20.75 6.69
C ARG A 367 -7.88 21.13 7.63
N VAL A 368 -7.55 21.94 8.64
CA VAL A 368 -8.55 22.51 9.53
C VAL A 368 -8.57 23.99 9.18
N ALA A 369 -9.65 24.44 8.54
CA ALA A 369 -9.69 25.77 7.94
C ALA A 369 -10.92 26.61 8.33
N ASP A 370 -10.83 27.91 8.07
CA ASP A 370 -11.92 28.85 8.36
C ASP A 370 -12.92 28.95 7.21
N GLU A 371 -13.76 29.98 7.27
CA GLU A 371 -14.82 30.20 6.29
C GLU A 371 -14.28 30.58 4.91
N GLU A 372 -13.08 31.14 4.88
CA GLU A 372 -12.44 31.54 3.63
C GLU A 372 -11.58 30.41 3.04
N GLY A 373 -11.41 29.34 3.81
CA GLY A 373 -10.61 28.20 3.40
C GLY A 373 -9.15 28.28 3.86
N ARG A 374 -8.87 29.25 4.73
CA ARG A 374 -7.52 29.42 5.27
C ARG A 374 -7.30 28.51 6.48
N PRO A 375 -6.19 27.78 6.47
CA PRO A 375 -5.83 26.91 7.61
C PRO A 375 -5.69 27.70 8.90
N VAL A 376 -6.31 27.20 9.97
CA VAL A 376 -6.22 27.82 11.28
C VAL A 376 -4.88 27.46 11.95
N PRO A 377 -4.44 28.26 12.92
CA PRO A 377 -3.18 27.98 13.63
C PRO A 377 -3.11 26.57 14.20
N LYS A 378 -1.93 25.96 14.11
CA LYS A 378 -1.71 24.61 14.63
C LYS A 378 -1.28 24.66 16.10
N ASP A 379 -2.13 25.24 16.93
CA ASP A 379 -1.85 25.38 18.36
C ASP A 379 -2.72 24.49 19.24
N GLY A 380 -3.58 23.69 18.61
CA GLY A 380 -4.50 22.81 19.32
C GLY A 380 -5.59 23.56 20.06
N LYS A 381 -5.80 24.82 19.68
CA LYS A 381 -6.79 25.68 20.33
C LYS A 381 -7.76 26.31 19.34
N ALA A 382 -7.23 26.78 18.22
CA ALA A 382 -8.05 27.43 17.19
C ALA A 382 -9.00 26.44 16.52
N LEU A 383 -10.26 26.83 16.40
CA LEU A 383 -11.31 25.98 15.85
C LEU A 383 -11.54 26.25 14.37
N GLY A 384 -11.80 25.18 13.62
CA GLY A 384 -12.07 25.28 12.20
C GLY A 384 -12.68 23.99 11.65
N GLU A 385 -13.12 24.04 10.40
CA GLU A 385 -13.74 22.89 9.76
C GLU A 385 -12.71 21.97 9.10
N VAL A 386 -12.86 20.67 9.35
CA VAL A 386 -12.03 19.65 8.70
C VAL A 386 -12.40 19.59 7.21
N GLN A 387 -11.39 19.75 6.36
CA GLN A 387 -11.60 19.77 4.91
C GLN A 387 -10.64 18.80 4.22
N LEU A 388 -11.18 18.00 3.31
CA LEU A 388 -10.45 16.87 2.75
C LEU A 388 -10.31 16.88 1.23
N LYS A 389 -9.24 16.24 0.75
CA LYS A 389 -8.98 16.09 -0.67
C LYS A 389 -8.20 14.80 -0.92
N GLY A 390 -8.66 14.00 -1.89
CA GLY A 390 -8.00 12.74 -2.22
C GLY A 390 -8.80 11.87 -3.16
N PRO A 391 -8.20 10.77 -3.62
CA PRO A 391 -8.84 9.88 -4.60
C PRO A 391 -10.02 9.06 -4.06
N TRP A 392 -10.17 8.94 -2.74
CA TRP A 392 -11.33 8.24 -2.18
C TRP A 392 -12.24 9.15 -1.36
N ILE A 393 -12.10 10.46 -1.57
CA ILE A 393 -12.99 11.43 -0.96
C ILE A 393 -13.97 11.93 -2.03
N THR A 394 -15.25 11.97 -1.68
CA THR A 394 -16.28 12.36 -2.63
C THR A 394 -16.17 13.81 -3.08
N GLY A 395 -16.47 14.05 -4.35
CA GLY A 395 -16.45 15.40 -4.90
C GLY A 395 -17.84 15.98 -4.99
N GLY A 396 -18.83 15.20 -4.57
CA GLY A 396 -20.23 15.62 -4.58
C GLY A 396 -21.17 14.47 -4.25
N TYR A 397 -22.44 14.65 -4.58
CA TYR A 397 -23.46 13.66 -4.29
C TYR A 397 -24.20 13.20 -5.56
N TYR A 398 -24.80 12.02 -5.51
CA TYR A 398 -25.55 11.50 -6.63
C TYR A 398 -26.98 12.03 -6.64
N GLY A 399 -27.39 12.61 -7.77
CA GLY A 399 -28.74 13.12 -7.96
C GLY A 399 -29.17 14.16 -6.94
N ASN A 400 -28.27 15.07 -6.60
CA ASN A 400 -28.56 16.16 -5.68
C ASN A 400 -27.65 17.35 -5.95
N GLU A 401 -28.11 18.25 -6.80
CA GLU A 401 -27.35 19.43 -7.21
C GLU A 401 -27.09 20.38 -6.04
N GLU A 402 -28.11 20.59 -5.21
CA GLU A 402 -28.00 21.50 -4.07
C GLU A 402 -27.00 21.00 -3.04
N ALA A 403 -27.03 19.69 -2.78
CA ALA A 403 -26.10 19.07 -1.82
C ALA A 403 -24.67 19.08 -2.35
N THR A 404 -24.52 18.94 -3.67
CA THR A 404 -23.21 18.91 -4.31
C THR A 404 -22.52 20.27 -4.28
N ARG A 405 -23.23 21.31 -4.72
CA ARG A 405 -22.67 22.65 -4.84
C ARG A 405 -22.30 23.30 -3.50
N SER A 406 -22.73 22.69 -2.40
CA SER A 406 -22.37 23.17 -1.06
C SER A 406 -21.42 22.20 -0.34
N ALA A 407 -21.06 21.12 -1.02
CA ALA A 407 -20.17 20.11 -0.45
C ALA A 407 -18.70 20.50 -0.55
N LEU A 408 -18.38 21.38 -1.50
CA LEU A 408 -16.99 21.77 -1.75
C LEU A 408 -16.70 23.23 -1.46
N THR A 409 -15.44 23.51 -1.14
CA THR A 409 -14.93 24.87 -1.01
C THR A 409 -14.60 25.42 -2.40
N PRO A 410 -14.37 26.72 -2.51
CA PRO A 410 -13.95 27.33 -3.78
C PRO A 410 -12.70 26.69 -4.38
N ASP A 411 -11.82 26.15 -3.54
CA ASP A 411 -10.59 25.49 -4.02
C ASP A 411 -10.68 23.96 -4.04
N GLY A 412 -11.90 23.44 -4.00
CA GLY A 412 -12.16 22.03 -4.24
C GLY A 412 -11.97 21.03 -3.11
N PHE A 413 -12.04 21.50 -1.86
CA PHE A 413 -11.94 20.61 -0.72
C PHE A 413 -13.33 20.23 -0.22
N PHE A 414 -13.51 18.98 0.18
CA PHE A 414 -14.79 18.52 0.72
C PHE A 414 -14.98 19.01 2.14
N ARG A 415 -16.19 19.49 2.44
CA ARG A 415 -16.53 20.00 3.76
C ARG A 415 -17.22 18.92 4.59
N THR A 416 -16.54 18.49 5.65
CA THR A 416 -17.05 17.41 6.50
C THR A 416 -18.18 17.86 7.40
N GLY A 417 -18.16 19.14 7.77
CA GLY A 417 -19.11 19.69 8.73
C GLY A 417 -18.68 19.46 10.16
N ASP A 418 -17.42 19.09 10.35
CA ASP A 418 -16.86 18.82 11.68
C ASP A 418 -15.92 19.93 12.13
N ILE A 419 -16.16 20.45 13.34
CA ILE A 419 -15.29 21.44 13.95
C ILE A 419 -14.17 20.73 14.70
N ALA A 420 -12.93 21.15 14.47
CA ALA A 420 -11.77 20.49 15.08
C ALA A 420 -10.62 21.43 15.37
N VAL A 421 -9.64 20.91 16.11
CA VAL A 421 -8.36 21.59 16.32
C VAL A 421 -7.23 20.67 15.88
N TRP A 422 -6.06 21.25 15.61
CA TRP A 422 -4.87 20.47 15.28
C TRP A 422 -3.60 21.13 15.83
N ASP A 423 -2.59 20.31 16.13
CA ASP A 423 -1.34 20.80 16.72
C ASP A 423 -0.14 20.70 15.79
N GLU A 424 1.03 21.10 16.28
CA GLU A 424 2.26 21.06 15.49
C GLU A 424 2.72 19.63 15.21
N GLU A 425 2.27 18.68 16.03
CA GLU A 425 2.60 17.27 15.84
C GLU A 425 1.80 16.64 14.72
N GLY A 426 0.75 17.34 14.27
CA GLY A 426 -0.07 16.89 13.16
C GLY A 426 -1.35 16.20 13.58
N TYR A 427 -1.56 16.06 14.88
CA TYR A 427 -2.76 15.39 15.40
C TYR A 427 -4.00 16.25 15.23
N VAL A 428 -5.09 15.62 14.82
CA VAL A 428 -6.38 16.27 14.69
C VAL A 428 -7.25 15.84 15.86
N GLU A 429 -8.15 16.72 16.28
CA GLU A 429 -9.05 16.43 17.40
C GLU A 429 -10.42 17.04 17.15
N ILE A 430 -11.38 16.19 16.78
CA ILE A 430 -12.76 16.61 16.55
C ILE A 430 -13.35 17.16 17.85
N LYS A 431 -13.82 18.41 17.80
CA LYS A 431 -14.36 19.07 18.98
C LYS A 431 -15.88 19.26 18.89
N ASP A 432 -16.36 19.69 17.73
CA ASP A 432 -17.78 19.96 17.54
C ASP A 432 -18.26 19.61 16.14
N ARG A 433 -19.53 19.93 15.88
CA ARG A 433 -20.17 19.65 14.60
C ARG A 433 -20.91 20.89 14.10
N LEU A 434 -20.67 21.27 12.86
CA LEU A 434 -21.39 22.38 12.24
C LEU A 434 -22.83 21.98 11.98
N LYS A 435 -22.99 20.80 11.39
CA LYS A 435 -24.30 20.21 11.14
C LYS A 435 -24.97 19.87 12.47
N ASP A 436 -26.24 20.25 12.58
CA ASP A 436 -26.99 20.02 13.81
C ASP A 436 -27.69 18.67 13.80
N LEU A 437 -27.00 17.67 14.34
CA LEU A 437 -27.51 16.30 14.36
C LEU A 437 -27.21 15.61 15.69
N ILE A 438 -27.82 14.44 15.88
CA ILE A 438 -27.57 13.61 17.05
C ILE A 438 -27.16 12.22 16.58
N LYS A 439 -26.08 11.69 17.14
CA LYS A 439 -25.64 10.34 16.84
C LYS A 439 -25.75 9.46 18.08
N SER A 440 -26.78 8.60 18.07
CA SER A 440 -27.03 7.68 19.18
C SER A 440 -26.70 6.24 18.77
N GLY A 441 -25.69 5.67 19.45
CA GLY A 441 -25.27 4.31 19.21
C GLY A 441 -24.82 4.01 17.79
N GLY A 442 -24.19 5.01 17.16
CA GLY A 442 -23.69 4.87 15.80
C GLY A 442 -24.69 5.19 14.70
N GLU A 443 -25.92 5.54 15.09
CA GLU A 443 -26.96 5.89 14.12
C GLU A 443 -27.42 7.34 14.28
N TRP A 444 -27.79 7.95 13.16
CA TRP A 444 -28.14 9.38 13.12
C TRP A 444 -29.59 9.70 13.46
N ILE A 445 -29.79 10.84 14.11
CA ILE A 445 -31.11 11.40 14.36
C ILE A 445 -31.06 12.88 13.99
N SER A 446 -31.99 13.32 13.14
CA SER A 446 -32.04 14.72 12.75
C SER A 446 -32.79 15.56 13.80
N SER A 447 -32.13 16.63 14.25
CA SER A 447 -32.72 17.54 15.23
C SER A 447 -33.80 18.39 14.59
N VAL A 448 -33.47 19.01 13.46
CA VAL A 448 -34.38 19.87 12.72
C VAL A 448 -35.65 19.14 12.30
N ASP A 449 -35.51 17.87 11.93
CA ASP A 449 -36.65 17.03 11.56
C ASP A 449 -37.52 16.68 12.78
N LEU A 450 -36.89 16.64 13.95
CA LEU A 450 -37.60 16.40 15.21
C LEU A 450 -38.31 17.67 15.67
N GLU A 451 -37.62 18.80 15.55
CA GLU A 451 -38.15 20.10 15.95
C GLU A 451 -39.37 20.46 15.12
N ASN A 452 -39.27 20.26 13.81
CA ASN A 452 -40.37 20.53 12.89
C ASN A 452 -41.46 19.46 12.98
N ALA A 453 -41.84 19.13 14.21
CA ALA A 453 -42.86 18.12 14.49
C ALA A 453 -43.47 18.35 15.88
N ALA A 464 -37.63 22.75 20.17
CA ALA A 464 -36.17 22.74 20.15
C ALA A 464 -35.61 21.40 20.64
N VAL A 465 -34.65 20.86 19.88
CA VAL A 465 -34.02 19.57 20.22
C VAL A 465 -32.50 19.71 20.13
N VAL A 466 -31.80 19.21 21.14
CA VAL A 466 -30.34 19.27 21.19
C VAL A 466 -29.70 17.93 21.56
N ALA A 467 -28.45 17.75 21.18
CA ALA A 467 -27.69 16.55 21.50
C ALA A 467 -27.06 16.66 22.88
N ILE A 468 -27.41 15.73 23.76
CA ILE A 468 -26.87 15.70 25.12
C ILE A 468 -26.00 14.46 25.32
N PRO A 469 -24.78 14.66 25.80
CA PRO A 469 -23.84 13.55 26.06
C PRO A 469 -24.44 12.42 26.89
N HIS A 470 -24.15 11.19 26.49
CA HIS A 470 -24.62 10.00 27.20
C HIS A 470 -23.47 9.00 27.32
N PRO A 471 -23.34 8.39 28.52
CA PRO A 471 -22.27 7.39 28.81
C PRO A 471 -22.25 6.17 27.94
N LYS A 472 -23.45 5.76 27.60
CA LYS A 472 -23.65 4.53 26.85
C LYS A 472 -23.76 4.70 25.33
N TRP A 473 -24.77 5.47 24.87
CA TRP A 473 -24.97 5.86 23.48
C TRP A 473 -24.02 7.03 23.34
N GLN A 474 -24.03 7.94 22.42
CA GLN A 474 -22.98 8.89 22.82
C GLN A 474 -23.57 10.25 22.94
N GLU A 475 -24.71 10.28 22.36
CA GLU A 475 -25.54 11.43 22.39
C GLU A 475 -26.96 10.97 22.46
N ARG A 476 -27.77 11.73 23.15
CA ARG A 476 -29.19 11.46 23.26
C ARG A 476 -29.94 12.78 23.01
N PRO A 477 -31.09 12.72 22.33
CA PRO A 477 -31.92 13.91 22.10
C PRO A 477 -32.68 14.36 23.35
N LEU A 478 -32.87 15.68 23.47
CA LEU A 478 -33.65 16.27 24.55
C LEU A 478 -34.56 17.34 23.95
N ALA A 479 -35.84 16.99 23.78
CA ALA A 479 -36.82 17.91 23.21
C ALA A 479 -37.30 18.93 24.23
N VAL A 480 -37.24 20.20 23.87
CA VAL A 480 -37.67 21.29 24.76
C VAL A 480 -39.04 21.81 24.33
N VAL A 481 -40.05 21.48 25.12
CA VAL A 481 -41.43 21.88 24.83
C VAL A 481 -41.93 22.87 25.88
N GLY A 501 -43.76 8.69 12.70
CA GLY A 501 -42.72 8.82 11.70
C GLY A 501 -41.32 8.56 12.24
N PHE A 502 -41.20 8.49 13.55
CA PHE A 502 -39.92 8.26 14.22
C PHE A 502 -39.97 7.02 15.11
N ALA A 503 -38.84 6.33 15.22
CA ALA A 503 -38.75 5.10 16.01
C ALA A 503 -38.56 5.37 17.50
N LYS A 504 -38.62 4.30 18.29
CA LYS A 504 -38.50 4.38 19.76
C LYS A 504 -37.11 4.83 20.23
N TRP A 505 -36.08 4.47 19.46
CA TRP A 505 -34.72 4.86 19.78
C TRP A 505 -34.44 6.31 19.39
N GLN A 506 -35.32 6.87 18.55
CA GLN A 506 -35.21 8.25 18.09
C GLN A 506 -35.94 9.22 19.02
N LEU A 507 -36.85 8.69 19.83
CA LEU A 507 -37.63 9.50 20.75
C LEU A 507 -36.74 10.14 21.81
N PRO A 508 -36.85 11.45 21.98
CA PRO A 508 -36.12 12.18 23.03
C PRO A 508 -36.45 11.62 24.41
N ASP A 509 -35.42 11.34 25.20
CA ASP A 509 -35.58 10.71 26.51
C ASP A 509 -36.27 11.62 27.53
N ALA A 510 -35.82 12.87 27.63
CA ALA A 510 -36.35 13.81 28.61
C ALA A 510 -36.70 15.17 28.02
N TYR A 511 -37.53 15.92 28.75
CA TYR A 511 -38.01 17.23 28.32
C TYR A 511 -37.76 18.27 29.42
N LEU A 526 -30.73 29.74 17.84
CA LEU A 526 -29.92 30.04 19.01
C LEU A 526 -29.95 28.88 20.02
N LYS A 527 -29.19 27.83 19.72
CA LYS A 527 -29.16 26.63 20.55
C LYS A 527 -27.77 26.26 21.03
N ARG A 528 -26.80 27.12 20.75
CA ARG A 528 -25.40 26.90 21.13
C ARG A 528 -25.18 27.08 22.64
N ALA A 529 -26.24 27.46 23.35
CA ALA A 529 -26.18 27.69 24.79
C ALA A 529 -26.92 26.61 25.58
N LEU A 530 -27.95 26.02 24.97
CA LEU A 530 -28.74 24.97 25.60
C LEU A 530 -27.93 23.71 25.90
N ARG A 531 -26.88 23.49 25.11
CA ARG A 531 -25.99 22.35 25.29
C ARG A 531 -25.10 22.52 26.53
N GLU A 532 -24.50 23.70 26.67
CA GLU A 532 -23.62 24.01 27.79
C GLU A 532 -24.37 24.05 29.12
N GLN A 533 -25.68 24.30 29.05
CA GLN A 533 -26.52 24.34 30.25
C GLN A 533 -26.85 22.94 30.78
N TYR A 534 -27.13 22.02 29.86
CA TYR A 534 -27.54 20.67 30.22
C TYR A 534 -26.50 19.61 29.82
N LYS A 535 -25.23 20.02 29.81
CA LYS A 535 -24.11 19.14 29.45
C LYS A 535 -24.09 17.84 30.25
N ASN A 536 -24.59 17.90 31.50
CA ASN A 536 -24.59 16.74 32.37
C ASN A 536 -26.00 16.29 32.80
N TYR A 537 -26.98 16.50 31.93
CA TYR A 537 -28.36 16.10 32.22
C TYR A 537 -28.54 14.59 32.23
N TYR A 538 -27.82 13.90 31.35
CA TYR A 538 -27.91 12.43 31.26
C TYR A 538 -26.71 11.75 31.93
N GLY A 539 -26.00 12.49 32.77
CA GLY A 539 -24.83 11.97 33.46
C GLY A 539 -23.61 11.93 32.56
N ALA B 8 -23.23 8.61 -17.67
CA ALA B 8 -24.29 7.61 -17.31
C ALA B 8 -24.40 7.48 -15.79
N PHE B 9 -23.71 6.50 -15.21
CA PHE B 9 -23.66 6.33 -13.75
C PHE B 9 -22.20 6.31 -13.27
N PRO B 10 -21.61 7.49 -13.08
CA PRO B 10 -20.24 7.59 -12.60
C PRO B 10 -20.14 7.56 -11.08
N SER B 11 -18.92 7.41 -10.58
CA SER B 11 -18.67 7.52 -9.15
C SER B 11 -18.64 8.99 -8.77
N THR B 12 -18.83 9.29 -7.49
CA THR B 12 -18.79 10.67 -7.01
C THR B 12 -17.40 11.03 -6.47
N MET B 13 -16.45 10.10 -6.61
CA MET B 13 -15.09 10.30 -6.10
C MET B 13 -14.33 11.38 -6.87
N MET B 14 -13.52 12.14 -6.14
CA MET B 14 -12.67 13.18 -6.73
C MET B 14 -11.67 12.58 -7.71
N ASP B 15 -11.37 13.33 -8.77
CA ASP B 15 -10.40 12.92 -9.78
C ASP B 15 -8.99 13.37 -9.40
N GLU B 16 -8.55 12.99 -8.21
CA GLU B 16 -7.23 13.35 -7.72
C GLU B 16 -6.17 12.35 -8.20
N GLU B 17 -5.07 12.88 -8.72
CA GLU B 17 -3.98 12.04 -9.22
C GLU B 17 -3.07 11.57 -8.09
N LEU B 18 -2.37 10.47 -8.33
CA LEU B 18 -1.34 10.00 -7.43
C LEU B 18 -0.01 10.66 -7.82
N ASN B 19 0.66 11.25 -6.84
CA ASN B 19 1.92 11.95 -7.07
C ASN B 19 2.95 11.65 -5.99
N LEU B 20 4.20 11.44 -6.39
CA LEU B 20 5.28 11.12 -5.47
C LEU B 20 5.57 12.25 -4.49
N TRP B 21 5.31 13.49 -4.92
CA TRP B 21 5.55 14.67 -4.10
C TRP B 21 4.73 14.68 -2.80
N ASP B 22 3.59 14.01 -2.81
CA ASP B 22 2.71 13.95 -1.64
C ASP B 22 3.36 13.21 -0.47
N PHE B 23 4.29 12.31 -0.78
CA PHE B 23 5.02 11.56 0.23
C PHE B 23 5.86 12.53 1.07
N LEU B 24 6.58 13.42 0.40
CA LEU B 24 7.44 14.40 1.08
C LEU B 24 6.63 15.51 1.74
N GLU B 25 5.57 15.95 1.08
CA GLU B 25 4.68 16.98 1.62
C GLU B 25 4.02 16.51 2.92
N ARG B 26 3.62 15.24 2.94
CA ARG B 26 3.07 14.64 4.15
C ARG B 26 4.15 14.51 5.22
N ALA B 27 5.35 14.11 4.80
CA ALA B 27 6.48 13.94 5.73
C ALA B 27 6.83 15.26 6.42
N ALA B 28 6.86 16.34 5.65
CA ALA B 28 7.19 17.66 6.19
C ALA B 28 6.13 18.19 7.14
N ALA B 29 4.86 17.85 6.90
CA ALA B 29 3.74 18.36 7.67
C ALA B 29 3.45 17.58 8.96
N LEU B 30 3.80 16.29 8.96
CA LEU B 30 3.51 15.43 10.12
C LEU B 30 4.76 14.94 10.82
N PHE B 31 5.82 14.74 10.07
CA PHE B 31 7.06 14.18 10.61
C PHE B 31 8.26 15.05 10.21
N GLY B 32 8.02 16.37 10.17
CA GLY B 32 9.02 17.32 9.72
C GLY B 32 10.33 17.31 10.49
N ARG B 33 10.27 16.90 11.75
CA ARG B 33 11.44 16.86 12.62
C ARG B 33 12.22 15.55 12.53
N LYS B 34 11.66 14.55 11.84
CA LYS B 34 12.34 13.27 11.67
C LYS B 34 13.61 13.44 10.83
N GLU B 35 14.67 12.79 11.25
CA GLU B 35 15.99 13.04 10.70
C GLU B 35 16.31 12.26 9.42
N VAL B 36 17.11 12.89 8.58
CA VAL B 36 17.72 12.24 7.42
C VAL B 36 19.23 12.38 7.61
N VAL B 37 19.88 11.25 7.86
CA VAL B 37 21.31 11.22 8.16
C VAL B 37 22.07 10.65 6.98
N SER B 38 23.10 11.36 6.52
CA SER B 38 23.90 10.93 5.38
C SER B 38 25.38 10.87 5.72
N ARG B 39 26.04 9.81 5.28
CA ARG B 39 27.49 9.73 5.35
C ARG B 39 28.05 10.01 3.96
N LEU B 40 28.81 11.09 3.84
CA LEU B 40 29.38 11.49 2.56
C LEU B 40 30.65 10.71 2.24
N HIS B 41 31.18 10.90 1.03
CA HIS B 41 32.34 10.15 0.57
C HIS B 41 33.61 10.39 1.41
N THR B 42 33.64 11.52 2.12
CA THR B 42 34.78 11.86 2.98
C THR B 42 34.75 11.13 4.33
N GLY B 43 33.59 10.56 4.66
CA GLY B 43 33.42 9.85 5.91
C GLY B 43 32.60 10.61 6.95
N GLU B 44 32.45 11.92 6.72
CA GLU B 44 31.70 12.79 7.63
C GLU B 44 30.20 12.48 7.63
N VAL B 45 29.54 12.79 8.75
CA VAL B 45 28.12 12.53 8.88
C VAL B 45 27.31 13.84 8.84
N HIS B 46 26.45 13.95 7.84
CA HIS B 46 25.57 15.10 7.66
C HIS B 46 24.18 14.79 8.24
N ARG B 47 23.62 15.78 8.93
CA ARG B 47 22.30 15.64 9.54
C ARG B 47 21.33 16.69 9.00
N THR B 48 20.16 16.25 8.58
CA THR B 48 19.07 17.14 8.18
C THR B 48 17.72 16.53 8.57
N THR B 49 16.62 17.19 8.21
CA THR B 49 15.27 16.71 8.53
C THR B 49 14.37 16.74 7.31
N TYR B 50 13.21 16.08 7.40
CA TYR B 50 12.24 16.08 6.30
C TYR B 50 11.75 17.48 5.95
N ALA B 51 11.61 18.33 6.96
CA ALA B 51 11.18 19.71 6.75
C ALA B 51 12.21 20.50 5.95
N GLU B 52 13.49 20.29 6.25
CA GLU B 52 14.59 20.94 5.53
C GLU B 52 14.71 20.41 4.10
N VAL B 53 14.60 19.08 3.97
CA VAL B 53 14.65 18.42 2.67
C VAL B 53 13.51 18.91 1.78
N TYR B 54 12.32 19.02 2.36
CA TYR B 54 11.14 19.53 1.65
C TYR B 54 11.34 20.97 1.19
N GLN B 55 11.93 21.79 2.05
CA GLN B 55 12.23 23.19 1.73
C GLN B 55 13.28 23.28 0.63
N ARG B 56 14.31 22.45 0.72
CA ARG B 56 15.40 22.45 -0.26
C ARG B 56 15.00 21.83 -1.59
N ALA B 57 14.06 20.88 -1.56
CA ALA B 57 13.55 20.25 -2.78
C ALA B 57 12.74 21.25 -3.61
N ARG B 58 12.02 22.12 -2.91
CA ARG B 58 11.27 23.21 -3.53
C ARG B 58 12.23 24.18 -4.22
N ARG B 59 13.37 24.43 -3.57
CA ARG B 59 14.41 25.30 -4.11
C ARG B 59 15.11 24.67 -5.31
N LEU B 60 15.23 23.34 -5.30
CA LEU B 60 15.81 22.61 -6.43
C LEU B 60 14.91 22.67 -7.65
N MET B 61 13.59 22.63 -7.43
CA MET B 61 12.61 22.77 -8.51
C MET B 61 12.74 24.13 -9.18
N GLY B 62 12.84 25.18 -8.37
CA GLY B 62 12.99 26.53 -8.86
C GLY B 62 14.31 26.72 -9.57
N GLY B 63 15.36 26.08 -9.04
CA GLY B 63 16.69 26.14 -9.61
C GLY B 63 16.78 25.41 -10.95
N LEU B 64 16.18 24.24 -11.03
CA LEU B 64 16.20 23.45 -12.27
C LEU B 64 15.40 24.12 -13.39
N ARG B 65 14.30 24.79 -13.02
CA ARG B 65 13.49 25.54 -13.97
C ARG B 65 14.29 26.70 -14.58
N ALA B 66 15.09 27.36 -13.74
CA ALA B 66 15.99 28.42 -14.19
C ALA B 66 17.06 27.89 -15.15
N LEU B 67 17.34 26.59 -15.04
CA LEU B 67 18.31 25.93 -15.92
C LEU B 67 17.64 25.33 -17.16
N GLY B 68 16.35 25.57 -17.31
CA GLY B 68 15.62 25.18 -18.51
C GLY B 68 14.90 23.85 -18.46
N VAL B 69 14.83 23.25 -17.27
CA VAL B 69 14.15 21.97 -17.09
C VAL B 69 12.64 22.17 -17.10
N GLY B 70 11.98 21.62 -18.12
CA GLY B 70 10.54 21.67 -18.22
C GLY B 70 9.89 20.33 -17.91
N VAL B 71 8.57 20.27 -18.08
CA VAL B 71 7.81 19.04 -17.85
C VAL B 71 8.16 17.97 -18.89
N GLY B 72 8.50 16.78 -18.42
CA GLY B 72 8.88 15.68 -19.29
C GLY B 72 10.37 15.60 -19.55
N ASP B 73 11.10 16.66 -19.20
CA ASP B 73 12.55 16.70 -19.38
C ASP B 73 13.26 15.74 -18.43
N ARG B 74 14.36 15.17 -18.89
CA ARG B 74 15.12 14.21 -18.12
C ARG B 74 16.25 14.87 -17.34
N VAL B 75 16.27 14.63 -16.03
CA VAL B 75 17.35 15.06 -15.16
C VAL B 75 18.03 13.80 -14.62
N ALA B 76 19.33 13.67 -14.88
CA ALA B 76 20.06 12.47 -14.53
C ALA B 76 20.90 12.63 -13.26
N THR B 77 21.10 11.52 -12.55
CA THR B 77 21.99 11.48 -11.40
C THR B 77 23.03 10.37 -11.54
N LEU B 78 24.22 10.66 -11.04
CA LEU B 78 25.30 9.70 -10.89
C LEU B 78 25.83 9.87 -9.48
N GLY B 79 25.18 9.23 -8.52
CA GLY B 79 25.56 9.38 -7.14
C GLY B 79 25.06 8.29 -6.21
N PHE B 80 25.58 8.29 -4.99
CA PHE B 80 25.22 7.31 -3.99
C PHE B 80 24.13 7.84 -3.06
N ASN B 81 23.94 7.18 -1.93
CA ASN B 81 22.85 7.51 -1.01
C ASN B 81 23.17 8.64 -0.02
N HIS B 82 22.54 9.78 -0.24
CA HIS B 82 22.69 10.96 0.63
C HIS B 82 21.50 11.91 0.47
N PHE B 83 21.48 12.95 1.29
CA PHE B 83 20.36 13.89 1.35
C PHE B 83 20.06 14.65 0.06
N ARG B 84 21.11 14.98 -0.71
CA ARG B 84 20.95 15.69 -1.98
C ARG B 84 20.28 14.82 -3.03
N HIS B 85 20.60 13.53 -3.02
CA HIS B 85 19.97 12.56 -3.91
C HIS B 85 18.51 12.38 -3.51
N LEU B 86 18.25 12.36 -2.21
CA LEU B 86 16.88 12.28 -1.70
C LEU B 86 16.07 13.52 -2.08
N GLU B 87 16.73 14.67 -2.07
CA GLU B 87 16.12 15.93 -2.48
C GLU B 87 15.80 15.89 -3.98
N ALA B 88 16.70 15.31 -4.76
CA ALA B 88 16.50 15.15 -6.21
C ALA B 88 15.40 14.14 -6.53
N TYR B 89 15.26 13.15 -5.66
CA TYR B 89 14.24 12.11 -5.80
C TYR B 89 12.83 12.66 -5.77
N PHE B 90 12.66 13.83 -5.16
CA PHE B 90 11.34 14.45 -5.05
C PHE B 90 11.17 15.68 -5.91
N ALA B 91 12.23 16.48 -6.02
CA ALA B 91 12.18 17.72 -6.79
C ALA B 91 11.94 17.52 -8.28
N VAL B 92 12.68 16.58 -8.87
CA VAL B 92 12.58 16.29 -10.29
C VAL B 92 11.17 15.81 -10.70
N PRO B 93 10.66 14.77 -10.05
CA PRO B 93 9.28 14.32 -10.32
C PRO B 93 8.23 15.32 -9.84
N GLY B 94 8.56 16.10 -8.81
CA GLY B 94 7.66 17.09 -8.26
C GLY B 94 7.38 18.23 -9.21
N MET B 95 8.34 18.51 -10.10
CA MET B 95 8.19 19.57 -11.09
C MET B 95 7.69 19.06 -12.44
N GLY B 96 7.40 17.76 -12.51
CA GLY B 96 6.89 17.14 -13.73
C GLY B 96 7.99 16.63 -14.66
N ALA B 97 9.22 16.61 -14.16
CA ALA B 97 10.35 16.13 -14.93
C ALA B 97 10.61 14.65 -14.66
N VAL B 98 11.59 14.08 -15.36
CA VAL B 98 11.88 12.66 -15.28
C VAL B 98 13.27 12.42 -14.68
N LEU B 99 13.30 11.71 -13.55
CA LEU B 99 14.55 11.43 -12.86
C LEU B 99 15.24 10.18 -13.42
N HIS B 100 16.36 10.41 -14.13
CA HIS B 100 17.13 9.32 -14.71
C HIS B 100 18.28 8.95 -13.79
N THR B 101 18.07 7.92 -12.96
CA THR B 101 19.11 7.42 -12.06
C THR B 101 20.07 6.52 -12.84
N ALA B 102 21.30 6.98 -12.99
CA ALA B 102 22.30 6.25 -13.77
C ALA B 102 23.33 5.55 -12.89
N ASN B 103 23.75 4.38 -13.34
CA ASN B 103 24.72 3.55 -12.61
C ASN B 103 26.17 3.92 -12.96
N PRO B 104 26.92 4.42 -11.99
CA PRO B 104 28.33 4.81 -12.20
C PRO B 104 29.30 3.64 -12.33
N ARG B 105 28.86 2.42 -12.04
CA ARG B 105 29.71 1.24 -12.12
C ARG B 105 29.82 0.73 -13.56
N LEU B 106 28.91 1.17 -14.42
CA LEU B 106 28.92 0.79 -15.82
C LEU B 106 30.12 1.41 -16.53
N SER B 107 30.48 0.84 -17.69
CA SER B 107 31.57 1.37 -18.49
C SER B 107 31.24 2.78 -18.98
N PRO B 108 32.26 3.62 -19.11
CA PRO B 108 32.11 4.98 -19.65
C PRO B 108 31.27 5.02 -20.93
N LYS B 109 31.45 4.04 -21.81
CA LYS B 109 30.69 3.96 -23.05
C LYS B 109 29.20 3.70 -22.81
N GLU B 110 28.89 2.87 -21.82
CA GLU B 110 27.51 2.56 -21.46
C GLU B 110 26.82 3.77 -20.83
N ILE B 111 27.51 4.45 -19.93
CA ILE B 111 26.99 5.64 -19.27
C ILE B 111 26.75 6.76 -20.29
N ALA B 112 27.69 6.93 -21.22
CA ALA B 112 27.56 7.92 -22.29
C ALA B 112 26.38 7.58 -23.19
N TYR B 113 26.20 6.29 -23.47
CA TYR B 113 25.12 5.82 -24.32
C TYR B 113 23.74 6.07 -23.69
N ILE B 114 23.59 5.71 -22.42
CA ILE B 114 22.29 5.85 -21.76
C ILE B 114 21.90 7.31 -21.48
N LEU B 115 22.90 8.16 -21.29
CA LEU B 115 22.66 9.59 -21.09
C LEU B 115 22.28 10.27 -22.40
N ASN B 116 22.84 9.80 -23.51
CA ASN B 116 22.51 10.31 -24.83
C ASN B 116 21.16 9.79 -25.33
N HIS B 117 20.85 8.54 -24.97
CA HIS B 117 19.60 7.90 -25.35
C HIS B 117 18.41 8.53 -24.65
N ALA B 118 18.57 8.86 -23.37
CA ALA B 118 17.52 9.46 -22.58
C ALA B 118 17.41 10.97 -22.82
N GLU B 119 18.42 11.53 -23.48
CA GLU B 119 18.48 12.95 -23.81
C GLU B 119 18.46 13.83 -22.56
N ASP B 120 19.19 13.41 -21.53
CA ASP B 120 19.26 14.16 -20.28
C ASP B 120 19.77 15.57 -20.52
N LYS B 121 19.10 16.53 -19.89
CA LYS B 121 19.45 17.94 -20.04
C LYS B 121 20.39 18.39 -18.93
N VAL B 122 20.17 17.87 -17.73
CA VAL B 122 20.99 18.20 -16.57
C VAL B 122 21.49 16.92 -15.90
N LEU B 123 22.76 16.94 -15.47
CA LEU B 123 23.37 15.81 -14.79
C LEU B 123 23.87 16.19 -13.40
N LEU B 124 23.37 15.47 -12.40
CA LEU B 124 23.79 15.63 -11.02
C LEU B 124 24.70 14.47 -10.65
N PHE B 125 25.88 14.76 -10.11
CA PHE B 125 26.83 13.71 -9.79
C PHE B 125 27.62 13.96 -8.51
N ASP B 126 28.03 12.88 -7.86
CA ASP B 126 28.83 12.95 -6.65
C ASP B 126 30.25 13.46 -6.94
N PRO B 127 30.83 14.20 -6.00
CA PRO B 127 32.16 14.80 -6.19
C PRO B 127 33.26 13.79 -6.48
N ASN B 128 33.19 12.63 -5.84
CA ASN B 128 34.17 11.56 -6.06
C ASN B 128 34.05 10.89 -7.43
N LEU B 129 33.03 11.28 -8.20
CA LEU B 129 32.82 10.74 -9.53
C LEU B 129 33.16 11.75 -10.63
N LEU B 130 33.94 12.77 -10.27
CA LEU B 130 34.37 13.79 -11.22
C LEU B 130 35.24 13.24 -12.37
N PRO B 131 36.21 12.38 -12.08
CA PRO B 131 37.06 11.80 -13.13
C PRO B 131 36.26 11.05 -14.20
N LEU B 132 35.23 10.31 -13.79
CA LEU B 132 34.37 9.58 -14.72
C LEU B 132 33.57 10.53 -15.61
N VAL B 133 33.03 11.59 -15.00
CA VAL B 133 32.25 12.60 -15.71
C VAL B 133 33.14 13.38 -16.69
N GLU B 134 34.37 13.66 -16.28
CA GLU B 134 35.34 14.33 -17.13
C GLU B 134 35.76 13.46 -18.32
N ALA B 135 35.77 12.15 -18.09
CA ALA B 135 36.16 11.18 -19.11
C ALA B 135 35.11 10.97 -20.19
N ILE B 136 33.83 11.17 -19.83
CA ILE B 136 32.73 10.94 -20.77
C ILE B 136 32.12 12.23 -21.29
N ARG B 137 32.56 13.36 -20.75
CA ARG B 137 31.96 14.67 -21.07
C ARG B 137 31.93 14.99 -22.57
N GLY B 138 33.02 14.69 -23.27
CA GLY B 138 33.12 14.94 -24.70
C GLY B 138 32.19 14.06 -25.54
N GLU B 139 31.75 12.95 -24.96
CA GLU B 139 30.86 12.01 -25.63
C GLU B 139 29.39 12.37 -25.46
N LEU B 140 29.08 13.22 -24.48
CA LEU B 140 27.70 13.61 -24.21
C LEU B 140 27.23 14.67 -25.20
N LYS B 141 25.98 14.57 -25.62
CA LYS B 141 25.43 15.43 -26.67
C LYS B 141 24.26 16.30 -26.23
N THR B 142 23.62 15.93 -25.13
CA THR B 142 22.39 16.60 -24.68
C THR B 142 22.55 17.32 -23.35
N VAL B 143 23.50 16.87 -22.52
CA VAL B 143 23.70 17.46 -21.20
C VAL B 143 24.22 18.90 -21.32
N GLN B 144 23.44 19.84 -20.82
CA GLN B 144 23.77 21.27 -20.89
C GLN B 144 24.40 21.78 -19.59
N HIS B 145 23.92 21.27 -18.47
CA HIS B 145 24.42 21.69 -17.16
C HIS B 145 24.94 20.52 -16.34
N PHE B 146 26.13 20.68 -15.79
CA PHE B 146 26.76 19.66 -14.95
C PHE B 146 26.82 20.14 -13.51
N VAL B 147 26.05 19.47 -12.65
CA VAL B 147 25.92 19.87 -11.26
C VAL B 147 26.60 18.88 -10.31
N VAL B 148 27.54 19.39 -9.52
CA VAL B 148 28.23 18.58 -8.52
C VAL B 148 27.45 18.64 -7.22
N MET B 149 27.12 17.47 -6.68
CA MET B 149 26.34 17.39 -5.44
C MET B 149 27.22 17.66 -4.22
N ASP B 150 27.56 18.94 -4.05
CA ASP B 150 28.41 19.42 -2.97
C ASP B 150 28.25 20.93 -2.82
N GLU B 151 28.97 21.51 -1.86
CA GLU B 151 28.95 22.95 -1.64
C GLU B 151 29.74 23.70 -2.70
N LYS B 152 30.80 23.07 -3.22
CA LYS B 152 31.69 23.69 -4.20
C LYS B 152 31.86 22.87 -5.48
N ALA B 153 32.28 23.53 -6.54
CA ALA B 153 32.51 22.88 -7.83
C ALA B 153 33.65 23.54 -8.60
N PRO B 154 34.40 22.75 -9.37
CA PRO B 154 35.47 23.28 -10.21
C PRO B 154 34.95 24.07 -11.43
N GLU B 155 35.85 24.75 -12.12
CA GLU B 155 35.50 25.51 -13.33
C GLU B 155 34.85 24.61 -14.37
N GLY B 156 33.79 25.12 -14.99
CA GLY B 156 33.02 24.36 -15.97
C GLY B 156 31.96 23.49 -15.34
N TYR B 157 31.84 23.59 -14.01
CA TYR B 157 30.86 22.81 -13.26
C TYR B 157 30.12 23.70 -12.27
N LEU B 158 28.86 23.37 -12.02
CA LEU B 158 27.99 24.13 -11.14
C LEU B 158 27.81 23.37 -9.82
N ALA B 159 27.92 24.09 -8.71
CA ALA B 159 27.70 23.50 -7.39
C ALA B 159 26.21 23.36 -7.10
N TYR B 160 25.85 22.25 -6.45
CA TYR B 160 24.46 21.96 -6.10
C TYR B 160 23.82 23.06 -5.27
N GLU B 161 24.56 23.56 -4.29
CA GLU B 161 24.10 24.65 -3.43
C GLU B 161 23.93 25.95 -4.22
N GLU B 162 24.73 26.11 -5.27
CA GLU B 162 24.60 27.24 -6.19
C GLU B 162 23.38 27.06 -7.10
N ALA B 163 23.11 25.81 -7.45
CA ALA B 163 22.02 25.46 -8.36
C ALA B 163 20.63 25.73 -7.78
N LEU B 164 20.50 25.61 -6.45
CA LEU B 164 19.22 25.86 -5.78
C LEU B 164 18.75 27.28 -6.01
N GLY B 165 17.50 27.43 -6.42
CA GLY B 165 16.92 28.73 -6.70
C GLY B 165 15.82 29.10 -5.71
N GLU B 166 14.81 29.80 -6.23
CA GLU B 166 13.66 30.20 -5.44
C GLU B 166 12.77 29.00 -5.14
N GLU B 167 12.08 29.04 -3.99
CA GLU B 167 11.15 27.99 -3.60
C GLU B 167 9.97 27.93 -4.56
N ALA B 168 9.90 26.86 -5.35
CA ALA B 168 8.82 26.69 -6.31
C ALA B 168 7.77 25.71 -5.82
N ASP B 169 6.52 25.95 -6.22
CA ASP B 169 5.43 25.03 -5.91
C ASP B 169 5.50 23.86 -6.89
N PRO B 170 5.13 22.66 -6.43
CA PRO B 170 5.15 21.47 -7.29
C PRO B 170 4.13 21.58 -8.42
N VAL B 171 4.43 20.96 -9.54
CA VAL B 171 3.50 20.90 -10.66
C VAL B 171 2.92 19.50 -10.72
N ARG B 172 1.59 19.42 -10.78
CA ARG B 172 0.90 18.14 -10.84
C ARG B 172 0.76 17.68 -12.29
N VAL B 173 1.23 16.47 -12.57
CA VAL B 173 1.12 15.87 -13.89
C VAL B 173 0.18 14.67 -13.80
N PRO B 174 -0.39 14.23 -14.91
CA PRO B 174 -1.20 12.99 -14.91
C PRO B 174 -0.40 11.85 -14.28
N GLU B 175 -1.04 11.08 -13.41
CA GLU B 175 -0.35 10.03 -12.67
C GLU B 175 0.32 8.98 -13.57
N ARG B 176 -0.21 8.78 -14.77
CA ARG B 176 0.34 7.83 -15.73
C ARG B 176 1.60 8.35 -16.41
N ALA B 177 1.84 9.66 -16.30
CA ALA B 177 3.01 10.29 -16.90
C ALA B 177 4.30 9.93 -16.15
N ALA B 178 5.42 10.03 -16.85
CA ALA B 178 6.73 9.65 -16.32
C ALA B 178 7.17 10.46 -15.11
N CYS B 179 7.79 9.77 -14.14
CA CYS B 179 8.41 10.41 -12.99
C CYS B 179 9.91 10.12 -12.96
N GLY B 180 10.29 8.96 -13.50
CA GLY B 180 11.68 8.54 -13.53
C GLY B 180 11.95 7.44 -14.54
N MET B 181 13.24 7.18 -14.78
CA MET B 181 13.64 6.12 -15.69
C MET B 181 15.00 5.52 -15.32
N ALA B 182 15.19 4.25 -15.66
CA ALA B 182 16.44 3.54 -15.40
C ALA B 182 16.75 2.54 -16.51
N TYR B 183 18.04 2.36 -16.80
CA TYR B 183 18.46 1.43 -17.84
C TYR B 183 19.03 0.15 -17.22
N THR B 184 18.67 -0.99 -17.80
CA THR B 184 19.20 -2.27 -17.35
C THR B 184 20.23 -2.82 -18.33
N THR B 185 21.34 -3.33 -17.78
CA THR B 185 22.35 -4.00 -18.59
C THR B 185 22.19 -5.51 -18.51
N GLY B 186 21.03 -5.94 -18.00
CA GLY B 186 20.69 -7.35 -17.91
C GLY B 186 19.93 -7.85 -19.14
N THR B 187 20.41 -7.46 -20.32
CA THR B 187 19.86 -7.90 -21.59
C THR B 187 21.00 -8.17 -22.57
N THR B 188 20.65 -8.52 -23.79
CA THR B 188 21.63 -8.69 -24.87
C THR B 188 21.80 -7.38 -25.61
N GLY B 189 23.05 -7.05 -25.97
CA GLY B 189 23.34 -5.82 -26.67
C GLY B 189 23.46 -4.64 -25.73
N LEU B 190 22.94 -3.49 -26.18
CA LEU B 190 23.01 -2.25 -25.41
C LEU B 190 21.90 -2.17 -24.35
N PRO B 191 22.09 -1.36 -23.32
CA PRO B 191 21.11 -1.23 -22.24
C PRO B 191 19.73 -0.79 -22.73
N LYS B 192 18.69 -1.28 -22.06
CA LYS B 192 17.31 -0.95 -22.39
C LYS B 192 16.69 -0.11 -21.28
N GLY B 193 15.92 0.90 -21.67
CA GLY B 193 15.33 1.84 -20.74
C GLY B 193 13.91 1.52 -20.32
N VAL B 194 13.62 1.75 -19.04
CA VAL B 194 12.31 1.54 -18.45
C VAL B 194 11.85 2.86 -17.80
N VAL B 195 10.67 3.32 -18.17
CA VAL B 195 10.15 4.59 -17.67
C VAL B 195 9.02 4.39 -16.66
N TYR B 196 9.25 4.81 -15.42
CA TYR B 196 8.26 4.68 -14.35
C TYR B 196 7.32 5.87 -14.33
N SER B 197 6.10 5.63 -13.86
CA SER B 197 5.12 6.69 -13.70
C SER B 197 4.90 6.99 -12.21
N HIS B 198 4.36 8.17 -11.92
CA HIS B 198 4.00 8.54 -10.56
C HIS B 198 3.05 7.51 -9.96
N ARG B 199 2.09 7.06 -10.77
CA ARG B 199 1.11 6.05 -10.39
C ARG B 199 1.80 4.73 -9.98
N ALA B 200 2.74 4.28 -10.80
CA ALA B 200 3.44 3.02 -10.56
C ALA B 200 4.18 3.00 -9.22
N LEU B 201 4.99 4.02 -8.97
CA LEU B 201 5.85 4.05 -7.78
C LEU B 201 5.08 4.33 -6.47
N VAL B 202 3.99 5.09 -6.56
CA VAL B 202 3.15 5.34 -5.38
C VAL B 202 2.46 4.04 -4.96
N LEU B 203 1.88 3.33 -5.93
CA LEU B 203 1.24 2.05 -5.67
C LEU B 203 2.23 1.00 -5.19
N HIS B 204 3.42 1.02 -5.79
CA HIS B 204 4.50 0.11 -5.44
C HIS B 204 4.97 0.32 -4.00
N SER B 205 5.13 1.57 -3.61
CA SER B 205 5.55 1.91 -2.26
C SER B 205 4.53 1.46 -1.22
N LEU B 206 3.25 1.64 -1.52
CA LEU B 206 2.17 1.25 -0.62
C LEU B 206 2.11 -0.27 -0.42
N ALA B 207 2.01 -1.00 -1.54
CA ALA B 207 1.86 -2.45 -1.50
C ALA B 207 3.03 -3.18 -0.83
N ALA B 208 4.24 -2.70 -1.09
CA ALA B 208 5.44 -3.33 -0.54
C ALA B 208 5.70 -2.98 0.93
N SER B 209 4.98 -1.97 1.43
CA SER B 209 5.16 -1.52 2.81
C SER B 209 4.22 -2.19 3.81
N LEU B 210 3.35 -3.07 3.33
CA LEU B 210 2.40 -3.79 4.17
C LEU B 210 3.11 -4.73 5.15
N VAL B 211 2.39 -5.17 6.19
CA VAL B 211 2.95 -6.03 7.23
C VAL B 211 3.62 -7.28 6.68
N ASP B 212 2.97 -7.91 5.71
CA ASP B 212 3.50 -9.12 5.07
C ASP B 212 4.64 -8.80 4.09
N GLY B 213 4.94 -7.52 3.94
CA GLY B 213 6.08 -7.08 3.14
C GLY B 213 7.17 -6.54 4.05
N THR B 214 7.47 -5.25 3.93
CA THR B 214 8.53 -4.63 4.72
C THR B 214 8.03 -4.10 6.06
N ALA B 215 6.71 -4.00 6.23
CA ALA B 215 6.08 -3.49 7.45
C ALA B 215 6.66 -2.15 7.90
N LEU B 216 6.82 -1.23 6.96
CA LEU B 216 7.44 0.07 7.24
C LEU B 216 6.57 0.95 8.12
N SER B 217 7.21 1.63 9.07
CA SER B 217 6.52 2.45 10.07
C SER B 217 7.29 3.73 10.36
N GLU B 218 6.58 4.70 10.94
CA GLU B 218 7.18 5.96 11.38
C GLU B 218 8.31 5.72 12.38
N LYS B 219 8.13 4.72 13.24
CA LYS B 219 9.10 4.40 14.29
C LYS B 219 10.36 3.71 13.77
N ASP B 220 10.33 3.24 12.53
CA ASP B 220 11.47 2.56 11.91
C ASP B 220 12.60 3.53 11.59
N VAL B 221 13.81 3.02 11.62
CA VAL B 221 14.99 3.75 11.18
C VAL B 221 15.56 2.97 10.00
N VAL B 222 15.43 3.55 8.81
CA VAL B 222 15.68 2.85 7.56
C VAL B 222 17.04 3.17 6.96
N LEU B 223 17.81 2.12 6.65
CA LEU B 223 19.12 2.27 6.01
C LEU B 223 19.15 1.49 4.68
N PRO B 224 18.98 2.20 3.56
CA PRO B 224 19.06 1.57 2.24
C PRO B 224 20.51 1.39 1.82
N VAL B 225 21.00 0.14 1.88
CA VAL B 225 22.35 -0.16 1.40
C VAL B 225 22.32 -0.32 -0.11
N VAL B 226 21.17 -0.77 -0.62
CA VAL B 226 20.90 -0.80 -2.05
C VAL B 226 21.09 0.61 -2.61
N PRO B 227 21.90 0.75 -3.65
CA PRO B 227 22.21 2.06 -4.24
C PRO B 227 21.01 2.74 -4.85
N MET B 228 20.97 4.08 -4.77
CA MET B 228 19.87 4.86 -5.33
C MET B 228 19.84 4.85 -6.85
N PHE B 229 20.77 4.10 -7.45
CA PHE B 229 20.79 3.88 -8.89
C PHE B 229 20.43 2.43 -9.26
N HIS B 230 20.05 1.64 -8.26
CA HIS B 230 19.54 0.29 -8.47
C HIS B 230 18.03 0.32 -8.29
N VAL B 231 17.31 0.41 -9.41
CA VAL B 231 15.84 0.56 -9.42
C VAL B 231 15.36 1.51 -8.32
N ASN B 232 15.96 2.70 -8.27
CA ASN B 232 15.66 3.72 -7.26
C ASN B 232 15.77 3.21 -5.81
N ALA B 233 16.87 2.51 -5.53
CA ALA B 233 17.10 1.87 -4.22
C ALA B 233 15.92 1.01 -3.80
N TRP B 234 15.37 0.28 -4.77
CA TRP B 234 14.20 -0.58 -4.59
C TRP B 234 12.97 0.20 -4.10
N CYS B 235 12.94 1.50 -4.39
CA CYS B 235 11.83 2.39 -4.01
C CYS B 235 11.75 2.65 -2.50
N LEU B 236 12.80 2.24 -1.78
CA LEU B 236 12.85 2.39 -0.32
C LEU B 236 12.82 3.84 0.19
N PRO B 237 13.58 4.76 -0.42
CA PRO B 237 13.56 6.16 0.02
C PRO B 237 12.19 6.83 -0.16
N TYR B 238 11.41 6.37 -1.13
CA TYR B 238 10.05 6.87 -1.31
C TYR B 238 9.12 6.33 -0.22
N ALA B 239 9.23 5.03 0.03
CA ALA B 239 8.39 4.37 1.02
C ALA B 239 8.71 4.80 2.46
N ALA B 240 9.98 5.09 2.72
CA ALA B 240 10.40 5.56 4.04
C ALA B 240 9.88 6.97 4.32
N THR B 241 9.81 7.78 3.26
CA THR B 241 9.24 9.13 3.33
C THR B 241 7.73 9.06 3.54
N LEU B 242 7.10 8.10 2.87
CA LEU B 242 5.66 7.88 2.98
C LEU B 242 5.22 7.59 4.42
N VAL B 243 5.97 6.73 5.12
CA VAL B 243 5.65 6.40 6.50
C VAL B 243 6.24 7.40 7.50
N GLY B 244 7.19 8.20 7.04
CA GLY B 244 7.84 9.20 7.88
C GLY B 244 8.94 8.65 8.76
N ALA B 245 9.50 7.50 8.35
CA ALA B 245 10.59 6.86 9.06
C ALA B 245 11.88 7.67 8.99
N LYS B 246 12.73 7.54 10.01
CA LYS B 246 14.05 8.13 10.00
C LYS B 246 14.88 7.42 8.92
N GLN B 247 15.62 8.20 8.13
CA GLN B 247 16.41 7.64 7.04
C GLN B 247 17.89 7.82 7.30
N VAL B 248 18.66 6.74 7.13
CA VAL B 248 20.10 6.77 7.27
C VAL B 248 20.72 6.34 5.94
N LEU B 249 21.38 7.29 5.28
CA LEU B 249 21.93 7.06 3.95
C LEU B 249 23.45 6.94 4.02
N PRO B 250 23.97 5.74 3.75
CA PRO B 250 25.37 5.40 4.03
C PRO B 250 26.40 5.97 3.05
N GLY B 251 25.98 6.39 1.86
CA GLY B 251 26.90 6.87 0.86
C GLY B 251 27.68 5.73 0.22
N PRO B 252 28.80 6.04 -0.44
CA PRO B 252 29.62 5.02 -1.12
C PRO B 252 30.31 4.01 -0.21
N ARG B 253 30.52 4.34 1.06
CA ARG B 253 31.19 3.44 2.00
C ARG B 253 30.25 2.36 2.51
N LEU B 254 30.35 1.17 1.93
CA LEU B 254 29.50 0.05 2.32
C LEU B 254 30.27 -1.06 3.03
N ASP B 255 31.50 -0.76 3.45
CA ASP B 255 32.29 -1.72 4.20
C ASP B 255 31.67 -1.97 5.58
N PRO B 256 31.77 -3.21 6.07
CA PRO B 256 31.13 -3.60 7.34
C PRO B 256 31.34 -2.64 8.50
N ALA B 257 32.56 -2.14 8.70
CA ALA B 257 32.85 -1.23 9.81
C ALA B 257 32.08 0.09 9.73
N SER B 258 31.97 0.64 8.53
CA SER B 258 31.23 1.89 8.32
C SER B 258 29.73 1.72 8.55
N LEU B 259 29.20 0.57 8.15
CA LEU B 259 27.78 0.27 8.32
C LEU B 259 27.40 0.05 9.79
N VAL B 260 28.23 -0.71 10.50
CA VAL B 260 27.99 -1.00 11.92
C VAL B 260 27.88 0.29 12.74
N GLU B 261 28.74 1.25 12.45
CA GLU B 261 28.71 2.57 13.08
C GLU B 261 27.35 3.25 12.88
N LEU B 262 26.78 3.09 11.69
CA LEU B 262 25.47 3.67 11.38
C LEU B 262 24.32 2.84 11.97
N PHE B 263 24.48 1.51 11.96
CA PHE B 263 23.48 0.61 12.53
C PHE B 263 23.22 0.92 14.00
N ASP B 264 24.30 1.05 14.77
CA ASP B 264 24.19 1.29 16.21
C ASP B 264 24.05 2.77 16.53
N GLY B 265 24.87 3.59 15.87
CA GLY B 265 24.88 5.03 16.13
C GLY B 265 23.57 5.72 15.86
N GLU B 266 22.86 5.27 14.83
CA GLU B 266 21.59 5.88 14.43
C GLU B 266 20.38 5.05 14.83
N GLY B 267 20.63 3.87 15.41
CA GLY B 267 19.57 3.00 15.87
C GLY B 267 18.72 2.42 14.75
N VAL B 268 19.40 1.94 13.71
CA VAL B 268 18.73 1.34 12.54
C VAL B 268 17.91 0.10 12.90
N THR B 269 16.65 0.07 12.47
CA THR B 269 15.76 -1.06 12.72
C THR B 269 15.50 -1.89 11.46
N PHE B 270 15.56 -1.22 10.30
CA PHE B 270 15.29 -1.86 9.02
C PHE B 270 16.36 -1.51 7.99
N THR B 271 16.77 -2.51 7.21
CA THR B 271 17.75 -2.30 6.15
C THR B 271 17.52 -3.24 4.97
N ALA B 272 18.00 -2.84 3.79
CA ALA B 272 17.82 -3.62 2.57
C ALA B 272 19.07 -3.56 1.69
N GLY B 273 19.45 -4.70 1.10
CA GLY B 273 20.63 -4.77 0.28
C GLY B 273 20.84 -6.08 -0.44
N VAL B 274 21.93 -6.16 -1.20
CA VAL B 274 22.30 -7.36 -1.98
C VAL B 274 23.06 -8.37 -1.11
N PRO B 275 23.01 -9.65 -1.48
CA PRO B 275 23.70 -10.71 -0.72
C PRO B 275 25.18 -10.45 -0.44
N THR B 276 25.93 -9.97 -1.43
CA THR B 276 27.36 -9.72 -1.28
C THR B 276 27.67 -8.83 -0.08
N VAL B 277 26.89 -7.75 0.06
CA VAL B 277 27.05 -6.82 1.17
C VAL B 277 26.77 -7.47 2.51
N TRP B 278 25.71 -8.28 2.57
CA TRP B 278 25.29 -8.93 3.81
C TRP B 278 26.23 -10.06 4.23
N LEU B 279 26.89 -10.69 3.26
CA LEU B 279 27.89 -11.71 3.55
C LEU B 279 29.12 -11.09 4.19
N ALA B 280 29.52 -9.92 3.69
CA ALA B 280 30.64 -9.18 4.25
C ALA B 280 30.35 -8.71 5.68
N LEU B 281 29.11 -8.32 5.92
CA LEU B 281 28.67 -7.90 7.25
C LEU B 281 28.65 -9.07 8.23
N ALA B 282 28.10 -10.20 7.78
CA ALA B 282 28.06 -11.41 8.60
C ALA B 282 29.47 -11.88 8.96
N ASP B 283 30.37 -11.84 7.99
CA ASP B 283 31.78 -12.18 8.22
C ASP B 283 32.39 -11.29 9.30
N TYR B 284 32.07 -10.00 9.25
CA TYR B 284 32.60 -9.02 10.20
C TYR B 284 32.06 -9.25 11.61
N LEU B 285 30.75 -9.44 11.73
CA LEU B 285 30.10 -9.63 13.03
C LEU B 285 30.58 -10.91 13.70
N GLU B 286 30.82 -11.95 12.92
CA GLU B 286 31.30 -13.23 13.44
C GLU B 286 32.79 -13.18 13.81
N SER B 287 33.58 -12.46 13.02
CA SER B 287 35.01 -12.34 13.26
C SER B 287 35.33 -11.50 14.49
N THR B 288 34.58 -10.41 14.68
CA THR B 288 34.84 -9.49 15.78
C THR B 288 34.10 -9.89 17.05
N GLY B 289 32.94 -10.51 16.88
CA GLY B 289 32.08 -10.84 18.01
C GLY B 289 31.12 -9.70 18.31
N HIS B 290 31.07 -8.72 17.43
CA HIS B 290 30.18 -7.58 17.58
C HIS B 290 28.74 -7.93 17.22
N ARG B 291 27.80 -7.43 18.01
CA ARG B 291 26.38 -7.64 17.75
C ARG B 291 25.63 -6.33 17.61
N LEU B 292 24.81 -6.24 16.58
CA LEU B 292 24.01 -5.04 16.32
C LEU B 292 22.94 -4.90 17.39
N LYS B 293 22.84 -3.70 17.96
CA LYS B 293 21.96 -3.48 19.11
C LYS B 293 20.50 -3.15 18.77
N THR B 294 20.23 -2.69 17.54
CA THR B 294 18.88 -2.26 17.17
C THR B 294 18.25 -2.97 15.97
N LEU B 295 19.07 -3.52 15.08
CA LEU B 295 18.57 -4.12 13.84
C LEU B 295 17.59 -5.28 14.08
N ARG B 296 16.39 -5.14 13.53
CA ARG B 296 15.34 -6.14 13.68
C ARG B 296 15.03 -6.84 12.35
N ARG B 297 14.97 -6.07 11.27
CA ARG B 297 14.57 -6.59 9.96
C ARG B 297 15.63 -6.32 8.90
N LEU B 298 15.98 -7.35 8.16
CA LEU B 298 16.92 -7.25 7.06
C LEU B 298 16.29 -7.80 5.80
N VAL B 299 16.35 -7.03 4.72
CA VAL B 299 15.81 -7.46 3.43
C VAL B 299 16.93 -7.73 2.43
N VAL B 300 16.85 -8.86 1.75
CA VAL B 300 17.86 -9.22 0.74
C VAL B 300 17.22 -9.52 -0.62
N GLY B 301 17.81 -8.93 -1.67
CA GLY B 301 17.32 -9.12 -3.02
C GLY B 301 18.41 -8.88 -4.05
N GLY B 302 18.04 -9.03 -5.33
CA GLY B 302 18.98 -8.87 -6.42
C GLY B 302 19.50 -10.22 -6.88
N SER B 303 19.76 -11.09 -5.92
CA SER B 303 20.23 -12.44 -6.17
C SER B 303 19.61 -13.38 -5.14
N ALA B 304 19.65 -14.68 -5.42
CA ALA B 304 19.10 -15.67 -4.50
C ALA B 304 19.92 -15.74 -3.21
N ALA B 305 19.28 -15.38 -2.09
CA ALA B 305 19.94 -15.41 -0.79
C ALA B 305 20.24 -16.83 -0.36
N PRO B 306 21.52 -17.12 -0.09
CA PRO B 306 21.94 -18.45 0.38
C PRO B 306 21.30 -18.81 1.73
N ARG B 307 20.99 -20.09 1.88
CA ARG B 307 20.40 -20.63 3.11
C ARG B 307 21.23 -20.30 4.35
N SER B 308 22.56 -20.41 4.21
CA SER B 308 23.48 -20.10 5.31
C SER B 308 23.43 -18.63 5.72
N LEU B 309 23.27 -17.74 4.73
CA LEU B 309 23.21 -16.31 4.97
C LEU B 309 22.00 -15.93 5.83
N ILE B 310 20.86 -16.57 5.56
CA ILE B 310 19.64 -16.34 6.32
C ILE B 310 19.78 -16.88 7.74
N ALA B 311 20.33 -18.09 7.86
CA ALA B 311 20.54 -18.75 9.15
C ALA B 311 21.49 -17.97 10.06
N ARG B 312 22.49 -17.34 9.47
CA ARG B 312 23.49 -16.60 10.24
C ARG B 312 22.91 -15.35 10.91
N PHE B 313 21.99 -14.68 10.22
CA PHE B 313 21.38 -13.46 10.75
C PHE B 313 20.22 -13.75 11.72
N GLU B 314 19.46 -14.82 11.44
CA GLU B 314 18.37 -15.24 12.32
C GLU B 314 18.92 -15.67 13.67
N ARG B 315 20.14 -16.24 13.66
CA ARG B 315 20.84 -16.64 14.87
C ARG B 315 21.21 -15.42 15.73
N MET B 316 21.32 -14.26 15.08
CA MET B 316 21.71 -13.03 15.78
C MET B 316 20.49 -12.19 16.17
N GLY B 317 19.31 -12.71 15.87
CA GLY B 317 18.06 -12.04 16.24
C GLY B 317 17.47 -11.16 15.16
N VAL B 318 18.14 -11.10 14.01
CA VAL B 318 17.69 -10.30 12.88
C VAL B 318 16.79 -11.12 11.96
N GLU B 319 15.57 -10.65 11.76
CA GLU B 319 14.63 -11.30 10.84
C GLU B 319 15.04 -11.03 9.39
N VAL B 320 15.11 -12.10 8.60
CA VAL B 320 15.52 -11.99 7.20
C VAL B 320 14.36 -12.31 6.26
N ARG B 321 14.07 -11.38 5.36
CA ARG B 321 13.02 -11.56 4.36
C ARG B 321 13.57 -11.33 2.96
N GLN B 322 13.31 -12.29 2.07
CA GLN B 322 13.77 -12.21 0.69
C GLN B 322 12.78 -11.42 -0.17
N GLY B 323 13.31 -10.73 -1.16
CA GLY B 323 12.49 -9.99 -2.12
C GLY B 323 13.03 -10.16 -3.53
N TYR B 324 12.14 -10.14 -4.51
CA TYR B 324 12.53 -10.36 -5.90
C TYR B 324 11.90 -9.34 -6.84
N GLY B 325 12.64 -8.94 -7.86
CA GLY B 325 12.16 -8.00 -8.85
C GLY B 325 13.17 -7.68 -9.92
N LEU B 326 12.78 -6.79 -10.84
CA LEU B 326 13.61 -6.38 -11.95
C LEU B 326 13.53 -4.89 -12.13
N THR B 327 14.50 -4.31 -12.83
CA THR B 327 14.46 -2.90 -13.23
C THR B 327 13.11 -2.62 -13.91
N GLU B 328 12.63 -3.60 -14.65
CA GLU B 328 11.37 -3.52 -15.39
C GLU B 328 10.12 -3.58 -14.50
N THR B 329 10.30 -3.87 -13.20
CA THR B 329 9.14 -4.08 -12.32
C THR B 329 9.09 -3.21 -11.06
N SER B 330 9.98 -2.23 -10.98
CA SER B 330 9.86 -1.10 -10.02
C SER B 330 10.51 -1.12 -8.61
N PRO B 331 11.09 -2.22 -8.11
CA PRO B 331 11.17 -3.53 -8.75
C PRO B 331 10.30 -4.63 -8.11
N VAL B 332 9.82 -4.39 -6.89
CA VAL B 332 9.20 -5.43 -6.06
C VAL B 332 7.95 -6.05 -6.66
N VAL B 333 7.97 -7.37 -6.82
CA VAL B 333 6.81 -8.14 -7.24
C VAL B 333 6.58 -9.35 -6.32
N VAL B 334 7.66 -9.82 -5.69
CA VAL B 334 7.61 -10.97 -4.80
C VAL B 334 8.34 -10.66 -3.49
N GLN B 335 7.68 -10.96 -2.37
CA GLN B 335 8.27 -10.81 -1.05
C GLN B 335 8.01 -12.05 -0.20
N ASN B 336 9.06 -12.50 0.51
CA ASN B 336 8.95 -13.70 1.32
C ASN B 336 8.49 -13.43 2.75
N PHE B 337 7.53 -14.23 3.20
CA PHE B 337 7.13 -14.29 4.61
C PHE B 337 6.54 -15.66 4.90
N VAL B 338 6.67 -16.11 6.15
CA VAL B 338 6.15 -17.41 6.55
C VAL B 338 4.65 -17.32 6.86
N LYS B 339 3.87 -18.13 6.16
CA LYS B 339 2.41 -18.18 6.36
C LYS B 339 2.07 -18.63 7.78
N SER B 340 0.93 -18.17 8.29
CA SER B 340 0.50 -18.44 9.66
C SER B 340 0.48 -19.92 10.00
N HIS B 341 -0.12 -20.74 9.15
CA HIS B 341 -0.22 -22.17 9.40
C HIS B 341 1.08 -22.94 9.13
N LEU B 342 2.11 -22.22 8.69
CA LEU B 342 3.41 -22.83 8.44
C LEU B 342 4.41 -22.48 9.54
N GLU B 343 3.93 -21.79 10.58
CA GLU B 343 4.77 -21.42 11.71
C GLU B 343 5.12 -22.62 12.60
N SER B 344 4.32 -23.69 12.49
CA SER B 344 4.53 -24.90 13.27
C SER B 344 5.54 -25.85 12.62
N LEU B 345 6.12 -25.44 11.50
CA LEU B 345 7.16 -26.22 10.84
C LEU B 345 8.45 -26.12 11.64
N SER B 346 9.33 -27.11 11.49
CA SER B 346 10.61 -27.14 12.19
C SER B 346 11.57 -26.06 11.68
N GLU B 347 12.61 -25.79 12.45
CA GLU B 347 13.65 -24.83 12.08
C GLU B 347 14.19 -25.08 10.68
N GLU B 348 14.47 -26.34 10.36
CA GLU B 348 14.99 -26.75 9.06
C GLU B 348 14.02 -26.44 7.92
N GLU B 349 12.75 -26.81 8.12
CA GLU B 349 11.72 -26.59 7.11
C GLU B 349 11.42 -25.10 6.93
N LYS B 350 11.41 -24.36 8.03
CA LYS B 350 11.16 -22.92 8.00
C LYS B 350 12.29 -22.16 7.31
N LEU B 351 13.53 -22.59 7.58
CA LEU B 351 14.71 -22.00 6.97
C LEU B 351 14.72 -22.21 5.47
N THR B 352 14.27 -23.40 5.05
CA THR B 352 14.14 -23.75 3.64
C THR B 352 13.08 -22.90 2.96
N LEU B 353 11.97 -22.68 3.66
CA LEU B 353 10.89 -21.84 3.17
C LEU B 353 11.35 -20.39 3.04
N LYS B 354 12.17 -19.94 3.99
CA LYS B 354 12.73 -18.60 3.97
C LYS B 354 13.76 -18.43 2.85
N ALA B 355 14.38 -19.53 2.44
CA ALA B 355 15.36 -19.53 1.37
C ALA B 355 14.71 -19.42 0.00
N LYS B 356 13.40 -19.67 -0.05
CA LYS B 356 12.63 -19.53 -1.28
C LYS B 356 12.42 -18.05 -1.58
N THR B 357 12.05 -17.75 -2.82
CA THR B 357 11.87 -16.38 -3.28
C THR B 357 10.73 -15.65 -2.55
N GLY B 358 9.58 -16.31 -2.43
CA GLY B 358 8.48 -15.75 -1.68
C GLY B 358 7.13 -15.78 -2.38
N LEU B 359 6.23 -14.91 -1.94
CA LEU B 359 4.88 -14.85 -2.47
C LEU B 359 4.66 -13.58 -3.30
N PRO B 360 3.88 -13.68 -4.37
CA PRO B 360 3.47 -12.50 -5.15
C PRO B 360 2.75 -11.50 -4.26
N ILE B 361 3.10 -10.23 -4.38
CA ILE B 361 2.52 -9.19 -3.52
C ILE B 361 1.25 -8.58 -4.14
N PRO B 362 0.45 -7.88 -3.34
CA PRO B 362 -0.80 -7.29 -3.83
C PRO B 362 -0.64 -6.45 -5.09
N LEU B 363 -1.65 -6.49 -5.96
CA LEU B 363 -1.64 -5.79 -7.25
C LEU B 363 -0.60 -6.33 -8.24
N VAL B 364 -0.19 -7.57 -8.02
CA VAL B 364 0.72 -8.26 -8.93
C VAL B 364 0.09 -9.57 -9.40
N ARG B 365 0.01 -9.71 -10.72
CA ARG B 365 -0.44 -10.95 -11.33
C ARG B 365 0.77 -11.75 -11.81
N LEU B 366 1.11 -12.78 -11.04
CA LEU B 366 2.26 -13.64 -11.32
C LEU B 366 1.84 -15.03 -11.77
N ARG B 367 2.57 -15.57 -12.74
CA ARG B 367 2.39 -16.95 -13.18
C ARG B 367 3.72 -17.54 -13.63
N VAL B 368 3.89 -18.84 -13.37
CA VAL B 368 5.04 -19.58 -13.87
C VAL B 368 4.52 -20.40 -15.06
N ALA B 369 4.86 -19.95 -16.26
CA ALA B 369 4.27 -20.52 -17.49
C ALA B 369 5.28 -21.17 -18.42
N ASP B 370 4.78 -22.04 -19.29
CA ASP B 370 5.60 -22.70 -20.31
C ASP B 370 5.76 -21.80 -21.54
N GLU B 371 6.32 -22.37 -22.61
CA GLU B 371 6.58 -21.62 -23.85
C GLU B 371 5.30 -21.23 -24.58
N GLU B 372 4.20 -21.93 -24.29
CA GLU B 372 2.91 -21.64 -24.89
C GLU B 372 2.16 -20.57 -24.10
N GLY B 373 2.57 -20.36 -22.85
CA GLY B 373 1.96 -19.37 -21.98
C GLY B 373 1.01 -19.97 -20.95
N ARG B 374 1.01 -21.29 -20.85
CA ARG B 374 0.15 -22.01 -19.91
C ARG B 374 0.87 -22.23 -18.59
N PRO B 375 0.15 -22.06 -17.47
CA PRO B 375 0.73 -22.24 -16.14
C PRO B 375 1.22 -23.67 -15.92
N VAL B 376 2.44 -23.81 -15.40
CA VAL B 376 3.01 -25.11 -15.09
C VAL B 376 2.45 -25.64 -13.76
N PRO B 377 2.42 -26.96 -13.60
CA PRO B 377 1.94 -27.58 -12.36
C PRO B 377 2.59 -26.99 -11.10
N LYS B 378 1.80 -26.88 -10.03
CA LYS B 378 2.25 -26.27 -8.79
C LYS B 378 2.79 -27.30 -7.80
N ASP B 379 3.80 -28.05 -8.24
CA ASP B 379 4.40 -29.11 -7.42
C ASP B 379 5.79 -28.75 -6.90
N GLY B 380 6.24 -27.54 -7.21
CA GLY B 380 7.58 -27.10 -6.83
C GLY B 380 8.67 -27.87 -7.57
N LYS B 381 8.32 -28.38 -8.75
CA LYS B 381 9.24 -29.17 -9.56
C LYS B 381 9.23 -28.73 -11.02
N ALA B 382 8.03 -28.60 -11.57
CA ALA B 382 7.85 -28.19 -12.96
C ALA B 382 8.43 -26.80 -13.22
N LEU B 383 9.36 -26.71 -14.17
CA LEU B 383 10.04 -25.47 -14.47
C LEU B 383 9.31 -24.64 -15.52
N GLY B 384 9.32 -23.33 -15.34
CA GLY B 384 8.68 -22.41 -16.26
C GLY B 384 9.17 -20.98 -16.06
N GLU B 385 8.73 -20.09 -16.95
CA GLU B 385 9.14 -18.70 -16.89
C GLU B 385 8.17 -17.85 -16.05
N VAL B 386 8.74 -17.01 -15.20
CA VAL B 386 7.95 -16.06 -14.41
C VAL B 386 7.43 -14.96 -15.33
N GLN B 387 6.11 -14.80 -15.35
CA GLN B 387 5.47 -13.81 -16.20
C GLN B 387 4.55 -12.92 -15.36
N LEU B 388 4.63 -11.61 -15.59
CA LEU B 388 3.96 -10.65 -14.70
C LEU B 388 3.03 -9.68 -15.42
N LYS B 389 2.05 -9.18 -14.66
CA LYS B 389 1.13 -8.15 -15.13
C LYS B 389 0.67 -7.30 -13.94
N GLY B 390 0.67 -5.98 -14.11
CA GLY B 390 0.26 -5.07 -13.05
C GLY B 390 0.62 -3.62 -13.33
N PRO B 391 0.18 -2.73 -12.44
CA PRO B 391 0.36 -1.28 -12.62
C PRO B 391 1.81 -0.78 -12.55
N TRP B 392 2.72 -1.52 -11.90
CA TRP B 392 4.12 -1.10 -11.85
C TRP B 392 5.06 -2.06 -12.59
N ILE B 393 4.50 -2.83 -13.51
CA ILE B 393 5.27 -3.71 -14.38
C ILE B 393 5.31 -3.07 -15.77
N THR B 394 6.51 -3.03 -16.37
CA THR B 394 6.67 -2.40 -17.67
C THR B 394 5.96 -3.18 -18.78
N GLY B 395 5.45 -2.45 -19.77
CA GLY B 395 4.82 -3.04 -20.93
C GLY B 395 5.71 -2.93 -22.15
N GLY B 396 6.98 -2.62 -21.92
CA GLY B 396 7.94 -2.45 -22.99
C GLY B 396 9.15 -1.65 -22.61
N TYR B 397 9.94 -1.27 -23.61
CA TYR B 397 11.17 -0.52 -23.38
C TYR B 397 11.15 0.81 -24.14
N TYR B 398 11.88 1.79 -23.64
CA TYR B 398 11.90 3.12 -24.24
C TYR B 398 12.64 3.16 -25.57
N GLY B 399 11.92 3.53 -26.61
CA GLY B 399 12.49 3.68 -27.95
C GLY B 399 13.06 2.41 -28.56
N ASN B 400 12.43 1.27 -28.27
CA ASN B 400 12.85 -0.01 -28.82
C ASN B 400 11.66 -0.95 -29.05
N GLU B 401 11.16 -0.96 -30.29
CA GLU B 401 10.02 -1.78 -30.67
C GLU B 401 10.31 -3.27 -30.58
N GLU B 402 11.53 -3.66 -30.97
CA GLU B 402 11.92 -5.06 -31.00
C GLU B 402 12.01 -5.67 -29.61
N ALA B 403 12.66 -4.95 -28.69
CA ALA B 403 12.80 -5.40 -27.32
C ALA B 403 11.44 -5.45 -26.62
N THR B 404 10.53 -4.56 -27.03
CA THR B 404 9.19 -4.50 -26.49
C THR B 404 8.37 -5.76 -26.82
N ARG B 405 8.34 -6.13 -28.10
CA ARG B 405 7.52 -7.27 -28.53
C ARG B 405 8.08 -8.63 -28.13
N SER B 406 9.38 -8.70 -27.89
CA SER B 406 10.00 -9.96 -27.48
C SER B 406 9.96 -10.17 -25.95
N ALA B 407 9.57 -9.13 -25.22
CA ALA B 407 9.47 -9.20 -23.77
C ALA B 407 8.02 -9.39 -23.31
N LEU B 408 7.11 -9.48 -24.27
CA LEU B 408 5.70 -9.67 -23.96
C LEU B 408 5.13 -10.93 -24.59
N THR B 409 4.20 -11.56 -23.88
CA THR B 409 3.45 -12.70 -24.39
C THR B 409 2.28 -12.17 -25.21
N PRO B 410 1.66 -13.02 -26.04
CA PRO B 410 0.47 -12.63 -26.81
C PRO B 410 -0.64 -12.04 -25.94
N ASP B 411 -0.85 -12.58 -24.74
CA ASP B 411 -1.89 -12.10 -23.85
C ASP B 411 -1.47 -10.95 -22.93
N GLY B 412 -0.29 -10.38 -23.18
CA GLY B 412 0.13 -9.15 -22.52
C GLY B 412 0.95 -9.27 -21.24
N PHE B 413 1.46 -10.45 -20.93
CA PHE B 413 2.30 -10.64 -19.76
C PHE B 413 3.74 -10.28 -20.06
N PHE B 414 4.42 -9.67 -19.09
CA PHE B 414 5.84 -9.36 -19.23
C PHE B 414 6.68 -10.60 -18.95
N ARG B 415 7.66 -10.85 -19.81
CA ARG B 415 8.56 -12.00 -19.67
C ARG B 415 9.84 -11.58 -18.94
N THR B 416 10.03 -12.12 -17.74
CA THR B 416 11.18 -11.76 -16.91
C THR B 416 12.47 -12.41 -17.40
N GLY B 417 12.35 -13.60 -18.00
CA GLY B 417 13.50 -14.38 -18.40
C GLY B 417 14.02 -15.24 -17.25
N ASP B 418 13.22 -15.38 -16.20
CA ASP B 418 13.59 -16.18 -15.05
C ASP B 418 12.87 -17.51 -15.02
N ILE B 419 13.63 -18.58 -14.83
CA ILE B 419 13.07 -19.92 -14.68
C ILE B 419 12.82 -20.17 -13.20
N ALA B 420 11.62 -20.63 -12.88
CA ALA B 420 11.25 -20.86 -11.49
C ALA B 420 10.29 -22.02 -11.33
N VAL B 421 10.07 -22.42 -10.08
CA VAL B 421 9.01 -23.36 -9.72
C VAL B 421 8.10 -22.68 -8.71
N TRP B 422 6.86 -23.15 -8.63
CA TRP B 422 5.93 -22.66 -7.62
C TRP B 422 5.12 -23.81 -7.04
N ASP B 423 4.65 -23.64 -5.80
CA ASP B 423 3.90 -24.68 -5.10
C ASP B 423 2.44 -24.30 -4.83
N GLU B 424 1.72 -25.19 -4.17
CA GLU B 424 0.30 -24.99 -3.87
C GLU B 424 0.08 -23.90 -2.81
N GLU B 425 1.10 -23.65 -1.99
CA GLU B 425 1.03 -22.60 -0.97
C GLU B 425 1.22 -21.21 -1.59
N GLY B 426 1.71 -21.19 -2.83
CA GLY B 426 1.87 -19.94 -3.57
C GLY B 426 3.30 -19.44 -3.63
N TYR B 427 4.22 -20.15 -2.99
CA TYR B 427 5.62 -19.76 -2.94
C TYR B 427 6.31 -19.97 -4.28
N VAL B 428 7.02 -18.93 -4.74
CA VAL B 428 7.80 -19.00 -5.95
C VAL B 428 9.25 -19.24 -5.56
N GLU B 429 10.01 -19.92 -6.43
CA GLU B 429 11.42 -20.18 -6.18
C GLU B 429 12.22 -20.08 -7.49
N ILE B 430 12.94 -18.97 -7.65
CA ILE B 430 13.78 -18.76 -8.83
C ILE B 430 14.87 -19.83 -8.88
N LYS B 431 14.87 -20.60 -9.96
CA LYS B 431 15.79 -21.73 -10.11
C LYS B 431 16.86 -21.51 -11.17
N ASP B 432 16.49 -20.83 -12.25
CA ASP B 432 17.40 -20.65 -13.38
C ASP B 432 17.09 -19.37 -14.15
N ARG B 433 17.85 -19.14 -15.23
CA ARG B 433 17.71 -17.96 -16.06
C ARG B 433 17.74 -18.32 -17.54
N LEU B 434 16.73 -17.85 -18.29
CA LEU B 434 16.68 -18.05 -19.73
C LEU B 434 17.73 -17.19 -20.41
N LYS B 435 17.80 -15.93 -19.99
CA LYS B 435 18.79 -14.99 -20.49
C LYS B 435 20.19 -15.44 -20.07
N ASP B 436 21.16 -15.21 -20.96
CA ASP B 436 22.52 -15.66 -20.72
C ASP B 436 23.40 -14.56 -20.14
N LEU B 437 23.40 -14.46 -18.82
CA LEU B 437 24.15 -13.41 -18.12
C LEU B 437 24.79 -13.91 -16.83
N ILE B 438 25.61 -13.06 -16.23
CA ILE B 438 26.22 -13.34 -14.93
C ILE B 438 26.01 -12.15 -14.00
N LYS B 439 25.40 -12.39 -12.85
CA LYS B 439 25.22 -11.36 -11.84
C LYS B 439 26.29 -11.50 -10.76
N SER B 440 27.24 -10.57 -10.75
CA SER B 440 28.32 -10.57 -9.77
C SER B 440 28.23 -9.34 -8.88
N GLY B 441 28.03 -9.58 -7.58
CA GLY B 441 27.91 -8.52 -6.60
C GLY B 441 26.77 -7.55 -6.89
N GLY B 442 25.72 -8.04 -7.54
CA GLY B 442 24.57 -7.23 -7.89
C GLY B 442 24.65 -6.58 -9.27
N GLU B 443 25.79 -6.73 -9.95
CA GLU B 443 25.98 -6.11 -11.26
C GLU B 443 26.07 -7.15 -12.38
N TRP B 444 25.57 -6.77 -13.56
CA TRP B 444 25.49 -7.68 -14.70
C TRP B 444 26.79 -7.78 -15.49
N ILE B 445 27.10 -9.00 -15.92
CA ILE B 445 28.19 -9.29 -16.84
C ILE B 445 27.63 -10.09 -18.00
N SER B 446 27.78 -9.58 -19.22
CA SER B 446 27.29 -10.26 -20.41
C SER B 446 28.26 -11.36 -20.86
N SER B 447 27.81 -12.60 -20.76
CA SER B 447 28.62 -13.76 -21.18
C SER B 447 28.87 -13.72 -22.68
N VAL B 448 27.80 -13.46 -23.44
CA VAL B 448 27.87 -13.38 -24.90
C VAL B 448 28.83 -12.30 -25.40
N ASP B 449 28.85 -11.15 -24.72
CA ASP B 449 29.78 -10.08 -25.05
C ASP B 449 31.22 -10.48 -24.75
N LEU B 450 31.40 -11.30 -23.71
CA LEU B 450 32.70 -11.82 -23.34
C LEU B 450 33.12 -12.99 -24.25
N GLU B 451 32.12 -13.67 -24.81
CA GLU B 451 32.35 -14.81 -25.71
C GLU B 451 32.93 -14.35 -27.03
N ASN B 452 32.26 -13.39 -27.66
CA ASN B 452 32.67 -12.85 -28.96
C ASN B 452 34.11 -12.34 -28.96
N ALA B 453 34.41 -11.43 -28.05
CA ALA B 453 35.76 -10.85 -27.93
C ALA B 453 36.79 -11.88 -27.50
N ALA B 463 35.93 -19.08 -25.53
CA ALA B 463 34.88 -19.31 -26.52
C ALA B 463 33.50 -19.43 -25.87
N ALA B 464 33.44 -20.02 -24.68
CA ALA B 464 32.19 -20.18 -23.95
C ALA B 464 32.30 -19.61 -22.54
N VAL B 465 31.35 -18.74 -22.18
CA VAL B 465 31.34 -18.12 -20.85
C VAL B 465 30.10 -18.51 -20.07
N VAL B 466 30.31 -19.08 -18.89
CA VAL B 466 29.21 -19.53 -18.04
C VAL B 466 29.25 -18.90 -16.64
N ALA B 467 28.09 -18.80 -16.02
CA ALA B 467 27.97 -18.32 -14.65
C ALA B 467 28.25 -19.46 -13.69
N ILE B 468 29.21 -19.26 -12.78
CA ILE B 468 29.56 -20.28 -11.79
C ILE B 468 29.40 -19.72 -10.38
N PRO B 469 28.75 -20.54 -9.53
CA PRO B 469 28.53 -20.17 -8.11
C PRO B 469 29.76 -19.60 -7.40
N HIS B 470 29.61 -18.54 -6.62
CA HIS B 470 30.72 -17.95 -5.84
C HIS B 470 30.22 -17.56 -4.44
N PRO B 471 31.02 -17.90 -3.40
CA PRO B 471 30.67 -17.61 -1.97
C PRO B 471 30.43 -16.19 -1.61
N LYS B 472 31.24 -15.38 -2.24
CA LYS B 472 31.26 -13.96 -1.95
C LYS B 472 30.48 -13.13 -2.93
N TRP B 473 30.95 -13.11 -4.15
CA TRP B 473 30.23 -12.44 -5.21
C TRP B 473 29.08 -13.33 -5.49
N GLN B 474 28.17 -13.07 -6.36
CA GLN B 474 27.30 -14.23 -6.34
C GLN B 474 27.75 -15.28 -7.35
N GLU B 475 27.72 -14.89 -8.61
CA GLU B 475 28.24 -15.75 -9.65
C GLU B 475 29.48 -15.07 -10.21
N ARG B 476 30.39 -15.86 -10.79
CA ARG B 476 31.61 -15.34 -11.42
C ARG B 476 31.82 -16.03 -12.77
N PRO B 477 32.18 -15.24 -13.74
CA PRO B 477 32.44 -15.76 -15.09
C PRO B 477 33.49 -16.88 -15.13
N LEU B 478 33.30 -17.84 -16.04
CA LEU B 478 34.28 -18.89 -16.28
C LEU B 478 34.27 -19.19 -17.77
N ALA B 479 35.43 -19.14 -18.40
CA ALA B 479 35.54 -19.38 -19.84
C ALA B 479 36.03 -20.79 -20.15
N VAL B 480 35.30 -21.49 -21.02
CA VAL B 480 35.66 -22.84 -21.44
C VAL B 480 36.19 -22.84 -22.87
N THR B 489 47.03 -18.54 -22.91
CA THR B 489 47.11 -18.33 -21.47
C THR B 489 45.92 -17.54 -20.95
N PRO B 490 45.59 -17.71 -19.66
CA PRO B 490 44.54 -16.90 -19.03
C PRO B 490 44.85 -15.40 -19.06
N GLU B 491 46.14 -15.08 -19.15
CA GLU B 491 46.61 -13.70 -19.21
C GLU B 491 46.37 -13.06 -20.58
N GLU B 492 46.60 -13.83 -21.63
CA GLU B 492 46.35 -13.39 -23.00
C GLU B 492 44.89 -12.97 -23.18
N LEU B 493 43.99 -13.86 -22.77
CA LEU B 493 42.56 -13.67 -22.96
C LEU B 493 42.02 -12.48 -22.16
N ASN B 494 42.67 -12.15 -21.04
CA ASN B 494 42.30 -11.01 -20.23
C ASN B 494 42.59 -9.68 -20.90
N GLU B 495 43.84 -9.50 -21.35
CA GLU B 495 44.28 -8.26 -22.00
C GLU B 495 43.52 -7.97 -23.28
N HIS B 496 43.13 -9.01 -24.00
CA HIS B 496 42.30 -8.88 -25.20
C HIS B 496 40.93 -8.33 -24.84
N LEU B 497 40.39 -8.77 -23.71
CA LEU B 497 39.09 -8.32 -23.22
C LEU B 497 39.16 -6.89 -22.67
N LEU B 498 40.25 -6.57 -21.98
CA LEU B 498 40.46 -5.24 -21.43
C LEU B 498 40.53 -4.19 -22.54
N LYS B 499 41.19 -4.55 -23.64
CA LYS B 499 41.33 -3.68 -24.80
C LYS B 499 40.00 -3.44 -25.50
N ALA B 500 39.12 -4.44 -25.45
CA ALA B 500 37.79 -4.36 -26.05
C ALA B 500 36.81 -3.52 -25.22
N GLY B 501 37.29 -2.99 -24.10
CA GLY B 501 36.49 -2.13 -23.25
C GLY B 501 35.84 -2.81 -22.06
N PHE B 502 36.54 -3.77 -21.47
CA PHE B 502 36.03 -4.48 -20.29
C PHE B 502 36.83 -4.13 -19.04
N ALA B 503 36.13 -3.94 -17.93
CA ALA B 503 36.77 -3.60 -16.66
C ALA B 503 37.33 -4.85 -15.97
N LYS B 504 38.18 -4.63 -14.96
CA LYS B 504 38.82 -5.70 -14.22
C LYS B 504 37.82 -6.63 -13.52
N TRP B 505 36.71 -6.05 -13.05
CA TRP B 505 35.68 -6.82 -12.35
C TRP B 505 34.87 -7.72 -13.28
N GLN B 506 34.95 -7.46 -14.59
CA GLN B 506 34.21 -8.23 -15.58
C GLN B 506 35.02 -9.42 -16.12
N LEU B 507 36.30 -9.48 -15.80
CA LEU B 507 37.19 -10.55 -16.28
C LEU B 507 36.90 -11.86 -15.57
N PRO B 508 36.73 -12.94 -16.34
CA PRO B 508 36.54 -14.28 -15.78
C PRO B 508 37.70 -14.69 -14.86
N ASP B 509 37.36 -15.29 -13.72
CA ASP B 509 38.34 -15.66 -12.70
C ASP B 509 39.29 -16.75 -13.16
N ALA B 510 38.76 -17.75 -13.85
CA ALA B 510 39.57 -18.88 -14.31
C ALA B 510 39.22 -19.34 -15.72
N TYR B 511 40.17 -20.04 -16.33
CA TYR B 511 40.01 -20.56 -17.68
C TYR B 511 40.29 -22.06 -17.70
N VAL B 512 39.34 -22.83 -18.21
CA VAL B 512 39.51 -24.27 -18.35
C VAL B 512 39.40 -24.66 -19.83
N PHE B 513 40.32 -25.50 -20.27
CA PHE B 513 40.37 -25.90 -21.68
C PHE B 513 39.68 -27.24 -21.93
N ALA B 514 39.19 -27.41 -23.16
CA ALA B 514 38.54 -28.65 -23.58
C ALA B 514 38.96 -29.01 -25.01
N GLU B 515 38.06 -29.67 -25.75
CA GLU B 515 38.33 -30.04 -27.14
C GLU B 515 37.15 -29.65 -28.02
N GLU B 516 35.94 -29.92 -27.55
CA GLU B 516 34.72 -29.61 -28.29
C GLU B 516 33.62 -29.13 -27.35
N ILE B 517 33.07 -27.95 -27.64
CA ILE B 517 31.94 -27.42 -26.88
C ILE B 517 30.63 -27.82 -27.54
N PRO B 518 29.81 -28.58 -26.82
CA PRO B 518 28.52 -29.07 -27.34
C PRO B 518 27.63 -27.96 -27.88
N ARG B 519 27.66 -27.77 -29.20
CA ARG B 519 26.89 -26.71 -29.87
C ARG B 519 25.40 -27.04 -29.93
N THR B 520 24.64 -26.20 -30.62
CA THR B 520 23.20 -26.41 -30.76
C THR B 520 22.75 -26.26 -32.21
N ARG B 528 24.71 -25.15 -20.47
CA ARG B 528 24.06 -25.71 -19.29
C ARG B 528 24.83 -26.90 -18.71
N ALA B 529 25.53 -27.62 -19.58
CA ALA B 529 26.33 -28.78 -19.18
C ALA B 529 27.58 -28.34 -18.43
N LEU B 530 28.26 -27.33 -18.98
CA LEU B 530 29.48 -26.79 -18.38
C LEU B 530 29.23 -26.28 -16.96
N ARG B 531 28.08 -25.63 -16.76
CA ARG B 531 27.68 -25.13 -15.46
C ARG B 531 27.53 -26.26 -14.44
N GLU B 532 27.05 -27.40 -14.91
CA GLU B 532 26.88 -28.58 -14.06
C GLU B 532 28.20 -29.32 -13.88
N GLN B 533 29.12 -29.14 -14.82
CA GLN B 533 30.43 -29.77 -14.77
C GLN B 533 31.40 -29.03 -13.84
N TYR B 534 31.24 -27.71 -13.78
CA TYR B 534 32.12 -26.87 -12.99
C TYR B 534 31.36 -26.13 -11.88
N LYS B 535 30.26 -26.74 -11.42
CA LYS B 535 29.40 -26.18 -10.40
C LYS B 535 30.16 -25.68 -9.17
N ASN B 536 31.13 -26.46 -8.71
CA ASN B 536 31.91 -26.14 -7.53
C ASN B 536 33.36 -25.78 -7.87
N TYR B 537 33.56 -25.05 -8.97
CA TYR B 537 34.89 -24.65 -9.38
C TYR B 537 35.49 -23.54 -8.52
N TYR B 538 34.64 -22.62 -8.06
CA TYR B 538 35.08 -21.55 -7.16
C TYR B 538 34.71 -21.86 -5.71
N GLY B 539 34.26 -23.10 -5.48
CA GLY B 539 33.80 -23.53 -4.17
C GLY B 539 32.52 -22.84 -3.77
N GLY B 540 31.77 -22.41 -4.78
CA GLY B 540 30.59 -21.58 -4.59
C GLY B 540 29.37 -22.26 -4.00
N ALA B 541 28.58 -21.48 -3.28
CA ALA B 541 27.35 -21.94 -2.65
C ALA B 541 26.32 -20.82 -2.64
#